data_6GUP
#
_entry.id   6GUP
#
_cell.length_a   48.930
_cell.length_b   102.850
_cell.length_c   65.060
_cell.angle_alpha   90.00
_cell.angle_beta   92.14
_cell.angle_gamma   90.00
#
_symmetry.space_group_name_H-M   'P 1 21 1'
#
loop_
_entity.id
_entity.type
_entity.pdbx_description
1 polymer 'Siderophore biosynthesis lipase/esterase, putative'
2 non-polymer GLYCEROL
3 water water
#
_entity_poly.entity_id   1
_entity_poly.type   'polypeptide(L)'
_entity_poly.pdbx_seq_one_letter_code
;GSYSKFWPKGGLPGILHHYTETLVTFEYTTTTTRKPHSLLFVGGLGDGLATTSYLADLAHALQPTEWSLFTLTLTSSYQS
WGLGHLDRDTNEIAQCLKYIKEYKTEKFGGSASSGKIVLMGHSTGSQCVLHYLSRPNPHTHTPAFDPYLEHVERMPLDGA
IMQAPVSDREAIQWVLAEGLGDRTPAEIRPVFEKLTSMAREAARDADAGTDVLLPLAMTSLVYPAHTPLSARRFLSLTSP
ESPESPSEDDLFSSDLSDEQLGKTFGMIREQGLLRGKLMVLFSGADQSVPAWVDKDTLLSRWRNATDHNGEAAIWDENSG
IIPNASHALSNDDQAEPRNFLVNKVLGYLSALVKA
;
_entity_poly.pdbx_strand_id   A,B
#
loop_
_chem_comp.id
_chem_comp.type
_chem_comp.name
_chem_comp.formula
GOL non-polymer GLYCEROL 'C3 H8 O3'
#
# COMPACT_ATOMS: atom_id res chain seq x y z
N TRP A 7 -11.77 -10.40 -5.79
CA TRP A 7 -11.93 -11.50 -6.80
C TRP A 7 -13.34 -11.75 -7.38
N PRO A 8 -14.41 -11.39 -6.64
CA PRO A 8 -15.72 -11.38 -7.30
C PRO A 8 -15.74 -10.46 -8.51
N LYS A 9 -16.30 -10.94 -9.62
CA LYS A 9 -16.31 -10.19 -10.88
C LYS A 9 -17.07 -8.87 -10.72
N GLY A 10 -16.47 -7.80 -11.21
CA GLY A 10 -17.01 -6.45 -11.04
C GLY A 10 -16.51 -5.73 -9.80
N GLY A 11 -15.53 -6.30 -9.10
CA GLY A 11 -14.98 -5.70 -7.87
C GLY A 11 -15.93 -5.75 -6.70
N LEU A 12 -15.54 -5.15 -5.58
CA LEU A 12 -16.38 -5.08 -4.38
C LEU A 12 -16.71 -3.62 -4.02
N PRO A 13 -18.01 -3.26 -3.98
CA PRO A 13 -18.38 -1.88 -3.65
C PRO A 13 -18.06 -1.48 -2.21
N GLY A 14 -17.80 -0.20 -2.00
CA GLY A 14 -17.48 0.30 -0.68
C GLY A 14 -17.14 1.78 -0.61
N ILE A 15 -16.52 2.16 0.51
CA ILE A 15 -16.12 3.55 0.77
C ILE A 15 -14.65 3.58 1.15
N LEU A 16 -13.87 4.38 0.45
CA LEU A 16 -12.46 4.61 0.80
C LEU A 16 -12.34 5.82 1.71
N HIS A 17 -11.85 5.58 2.94
CA HIS A 17 -11.66 6.63 3.94
C HIS A 17 -10.20 6.99 4.09
N HIS A 18 -9.95 8.18 4.64
CA HIS A 18 -8.61 8.60 5.05
C HIS A 18 -8.62 8.81 6.57
N TYR A 19 -8.01 7.87 7.31
CA TYR A 19 -7.89 8.01 8.77
C TYR A 19 -6.67 8.84 9.18
N THR A 20 -5.66 8.90 8.31
CA THR A 20 -4.65 9.97 8.33
C THR A 20 -4.60 10.59 6.94
N GLU A 21 -3.74 11.59 6.75
CA GLU A 21 -3.54 12.19 5.42
C GLU A 21 -2.86 11.21 4.46
N THR A 22 -2.01 10.33 5.00
CA THR A 22 -1.27 9.34 4.21
C THR A 22 -1.95 7.96 4.12
N LEU A 23 -2.68 7.57 5.17
CA LEU A 23 -3.17 6.20 5.32
C LEU A 23 -4.68 6.09 5.15
N VAL A 24 -5.12 4.99 4.54
CA VAL A 24 -6.53 4.77 4.19
C VAL A 24 -7.11 3.50 4.80
N THR A 25 -8.43 3.49 4.95
CA THR A 25 -9.17 2.29 5.32
C THR A 25 -10.39 2.16 4.39
N PHE A 26 -10.57 0.95 3.85
CA PHE A 26 -11.66 0.67 2.90
C PHE A 26 -12.80 -0.05 3.61
N GLU A 27 -13.98 0.56 3.59
CA GLU A 27 -15.18 -0.01 4.19
C GLU A 27 -15.99 -0.73 3.11
N TYR A 28 -16.29 -2.02 3.35
CA TYR A 28 -17.09 -2.81 2.41
C TYR A 28 -18.54 -2.51 2.69
N THR A 29 -19.26 -2.03 1.68
CA THR A 29 -20.69 -1.73 1.83
C THR A 29 -21.39 -1.64 0.49
N THR A 30 -22.56 -2.26 0.40
CA THR A 30 -23.41 -2.22 -0.78
C THR A 30 -24.75 -1.52 -0.54
N THR A 31 -25.08 -1.15 0.71
CA THR A 31 -26.46 -0.77 1.03
C THR A 31 -26.67 0.36 2.06
N THR A 32 -27.92 0.83 2.08
CA THR A 32 -28.45 1.85 2.99
C THR A 32 -28.46 1.45 4.47
N THR A 33 -28.47 0.14 4.72
CA THR A 33 -28.71 -0.44 6.05
C THR A 33 -27.84 0.15 7.16
N ARG A 34 -28.38 0.11 8.38
CA ARG A 34 -27.71 0.68 9.55
C ARG A 34 -26.54 -0.22 9.98
N LYS A 35 -25.41 0.41 10.29
CA LYS A 35 -24.17 -0.30 10.62
C LYS A 35 -23.47 0.38 11.80
N PRO A 36 -24.08 0.30 13.00
CA PRO A 36 -23.44 0.90 14.18
C PRO A 36 -22.13 0.22 14.61
N HIS A 37 -21.94 -1.04 14.23
CA HIS A 37 -20.78 -1.84 14.64
C HIS A 37 -19.75 -1.98 13.51
N SER A 38 -18.51 -2.26 13.90
CA SER A 38 -17.37 -2.26 12.98
C SER A 38 -16.42 -3.42 13.22
N LEU A 39 -16.02 -4.10 12.14
CA LEU A 39 -14.97 -5.11 12.18
C LEU A 39 -13.78 -4.60 11.36
N LEU A 40 -12.69 -4.27 12.06
CA LEU A 40 -11.44 -3.86 11.40
C LEU A 40 -10.56 -5.09 11.20
N PHE A 41 -10.31 -5.40 9.92
CA PHE A 41 -9.56 -6.57 9.51
C PHE A 41 -8.15 -6.12 9.14
N VAL A 42 -7.15 -6.70 9.81
CA VAL A 42 -5.74 -6.39 9.58
C VAL A 42 -5.12 -7.58 8.86
N GLY A 43 -4.76 -7.38 7.58
CA GLY A 43 -4.14 -8.42 6.78
C GLY A 43 -2.69 -8.68 7.16
N GLY A 44 -2.04 -9.58 6.42
CA GLY A 44 -0.64 -9.89 6.64
C GLY A 44 0.30 -8.72 6.40
N LEU A 45 1.54 -8.85 6.85
CA LEU A 45 2.54 -7.81 6.67
C LEU A 45 2.79 -7.58 5.18
N GLY A 46 2.59 -6.34 4.72
CA GLY A 46 2.74 -5.98 3.33
C GLY A 46 1.52 -6.18 2.44
N ASP A 47 0.35 -6.45 3.05
CA ASP A 47 -0.88 -6.68 2.29
C ASP A 47 -1.55 -5.37 1.88
N GLY A 48 -1.80 -4.50 2.86
CA GLY A 48 -2.57 -3.26 2.62
C GLY A 48 -4.04 -3.60 2.46
N LEU A 49 -4.65 -3.13 1.36
CA LEU A 49 -6.02 -3.50 0.99
C LEU A 49 -6.09 -4.73 0.08
N ALA A 50 -4.94 -5.34 -0.24
CA ALA A 50 -4.85 -6.38 -1.27
C ALA A 50 -5.09 -7.83 -0.79
N THR A 51 -5.46 -8.01 0.49
CA THR A 51 -5.82 -9.34 1.00
C THR A 51 -7.04 -9.88 0.24
N THR A 52 -6.98 -11.14 -0.17
CA THR A 52 -8.11 -11.82 -0.79
C THR A 52 -8.66 -12.86 0.20
N SER A 53 -8.22 -14.12 0.08
CA SER A 53 -8.66 -15.21 0.98
C SER A 53 -10.19 -15.35 1.10
N TYR A 54 -10.74 -15.12 2.29
CA TYR A 54 -12.16 -15.31 2.60
C TYR A 54 -12.89 -13.97 2.75
N LEU A 55 -12.22 -12.88 2.38
CA LEU A 55 -12.69 -11.54 2.72
C LEU A 55 -13.96 -11.15 1.96
N ALA A 56 -14.04 -11.58 0.69
CA ALA A 56 -15.23 -11.36 -0.13
C ALA A 56 -16.45 -12.09 0.43
N ASP A 57 -16.25 -13.36 0.83
CA ASP A 57 -17.32 -14.16 1.44
C ASP A 57 -17.77 -13.58 2.80
N LEU A 58 -16.82 -13.05 3.57
CA LEU A 58 -17.12 -12.40 4.84
C LEU A 58 -17.96 -11.13 4.64
N ALA A 59 -17.54 -10.29 3.69
CA ALA A 59 -18.29 -9.07 3.33
C ALA A 59 -19.71 -9.39 2.84
N HIS A 60 -19.83 -10.43 2.02
CA HIS A 60 -21.13 -10.92 1.55
C HIS A 60 -22.03 -11.40 2.70
N ALA A 61 -21.44 -12.10 3.67
CA ALA A 61 -22.16 -12.60 4.85
C ALA A 61 -22.58 -11.49 5.83
N LEU A 62 -21.78 -10.43 5.91
CA LEU A 62 -22.09 -9.29 6.79
C LEU A 62 -23.08 -8.26 6.21
N GLN A 63 -23.53 -8.46 4.96
CA GLN A 63 -24.53 -7.58 4.33
C GLN A 63 -25.85 -7.41 5.13
N PRO A 64 -26.50 -8.52 5.53
CA PRO A 64 -27.72 -8.42 6.35
C PRO A 64 -27.53 -7.92 7.81
N THR A 65 -26.29 -7.94 8.31
CA THR A 65 -26.01 -7.67 9.72
C THR A 65 -25.87 -6.18 10.02
N GLU A 66 -25.67 -5.84 11.29
CA GLU A 66 -25.36 -4.47 11.74
C GLU A 66 -23.84 -4.20 11.83
N TRP A 67 -23.01 -5.07 11.24
CA TRP A 67 -21.56 -4.90 11.16
C TRP A 67 -21.14 -4.53 9.75
N SER A 68 -20.24 -3.56 9.63
CA SER A 68 -19.55 -3.27 8.36
C SER A 68 -18.08 -3.63 8.49
N LEU A 69 -17.52 -4.20 7.43
CA LEU A 69 -16.13 -4.67 7.41
C LEU A 69 -15.20 -3.56 6.92
N PHE A 70 -14.09 -3.35 7.65
CA PHE A 70 -13.02 -2.45 7.24
C PHE A 70 -11.72 -3.22 7.04
N THR A 71 -10.95 -2.80 6.04
CA THR A 71 -9.54 -3.18 5.89
C THR A 71 -8.74 -1.89 5.82
N LEU A 72 -7.42 -1.96 6.04
CA LEU A 72 -6.60 -0.75 6.08
C LEU A 72 -5.16 -0.92 5.60
N THR A 73 -4.55 0.23 5.29
CA THR A 73 -3.13 0.33 5.01
C THR A 73 -2.40 0.85 6.25
N LEU A 74 -1.19 0.35 6.45
CA LEU A 74 -0.27 0.84 7.48
C LEU A 74 0.97 1.32 6.74
N THR A 75 1.94 1.86 7.48
CA THR A 75 3.25 2.18 6.91
C THR A 75 3.98 0.87 6.56
N SER A 76 3.77 -0.16 7.40
CA SER A 76 4.34 -1.49 7.15
C SER A 76 3.76 -2.22 5.95
N SER A 77 2.59 -1.79 5.46
CA SER A 77 2.07 -2.24 4.16
C SER A 77 3.05 -1.92 3.03
N TYR A 78 3.64 -0.73 3.09
CA TYR A 78 4.60 -0.27 2.08
C TYR A 78 6.06 -0.60 2.46
N GLN A 79 6.37 -0.62 3.76
CA GLN A 79 7.69 -1.03 4.24
C GLN A 79 7.59 -2.38 4.94
N SER A 80 7.41 -3.43 4.15
CA SER A 80 7.24 -4.80 4.66
C SER A 80 8.55 -5.54 4.97
N TRP A 81 9.69 -4.91 4.71
CA TRP A 81 11.02 -5.53 4.84
C TRP A 81 11.74 -5.21 6.15
N GLY A 82 11.21 -4.28 6.94
CA GLY A 82 11.89 -3.79 8.15
C GLY A 82 11.46 -4.46 9.46
N LEU A 83 12.42 -4.59 10.38
CA LEU A 83 12.17 -5.06 11.75
C LEU A 83 11.80 -3.88 12.64
N GLY A 84 11.12 -4.16 13.76
CA GLY A 84 10.73 -3.13 14.73
C GLY A 84 9.55 -2.34 14.23
N HIS A 85 8.58 -3.05 13.66
CA HIS A 85 7.44 -2.43 12.98
C HIS A 85 6.12 -2.50 13.75
N LEU A 86 6.02 -3.40 14.74
CA LEU A 86 4.75 -3.62 15.46
C LEU A 86 4.27 -2.43 16.30
N ASP A 87 5.20 -1.65 16.85
CA ASP A 87 4.84 -0.45 17.62
C ASP A 87 4.14 0.60 16.75
N ARG A 88 4.68 0.84 15.55
CA ARG A 88 4.09 1.78 14.60
C ARG A 88 2.77 1.27 14.02
N ASP A 89 2.72 -0.02 13.70
CA ASP A 89 1.47 -0.70 13.29
C ASP A 89 0.35 -0.45 14.28
N THR A 90 0.67 -0.69 15.54
CA THR A 90 -0.25 -0.52 16.65
C THR A 90 -0.78 0.92 16.79
N ASN A 91 0.09 1.91 16.63
CA ASN A 91 -0.31 3.33 16.69
C ASN A 91 -1.29 3.69 15.56
N GLU A 92 -1.02 3.16 14.37
CA GLU A 92 -1.85 3.45 13.19
C GLU A 92 -3.19 2.72 13.24
N ILE A 93 -3.21 1.51 13.79
CA ILE A 93 -4.47 0.81 14.08
C ILE A 93 -5.32 1.62 15.05
N ALA A 94 -4.69 2.12 16.12
CA ALA A 94 -5.37 2.97 17.11
C ALA A 94 -5.95 4.24 16.49
N GLN A 95 -5.19 4.86 15.58
CA GLN A 95 -5.68 6.01 14.81
C GLN A 95 -6.85 5.66 13.91
N CYS A 96 -6.79 4.50 13.26
CA CYS A 96 -7.87 4.01 12.42
C CYS A 96 -9.14 3.70 13.22
N LEU A 97 -8.97 3.09 14.39
CA LEU A 97 -10.08 2.80 15.30
C LEU A 97 -10.75 4.08 15.81
N LYS A 98 -9.96 5.09 16.15
CA LYS A 98 -10.48 6.40 16.54
C LYS A 98 -11.34 7.00 15.43
N TYR A 99 -10.82 6.96 14.21
CA TYR A 99 -11.54 7.48 13.05
C TYR A 99 -12.87 6.74 12.82
N ILE A 100 -12.82 5.41 12.82
CA ILE A 100 -14.02 4.58 12.62
C ILE A 100 -15.07 4.87 13.68
N LYS A 101 -14.63 5.05 14.94
CA LYS A 101 -15.53 5.33 16.05
C LYS A 101 -16.25 6.67 15.90
N GLU A 102 -15.51 7.72 15.52
CA GLU A 102 -16.13 9.03 15.25
C GLU A 102 -16.97 9.01 13.99
N TYR A 103 -16.49 8.32 12.95
CA TYR A 103 -17.22 8.17 11.68
C TYR A 103 -18.59 7.51 11.88
N LYS A 104 -18.59 6.39 12.61
CA LYS A 104 -19.83 5.65 12.87
C LYS A 104 -20.80 6.39 13.79
N THR A 105 -20.28 7.20 14.70
CA THR A 105 -21.11 8.10 15.50
C THR A 105 -21.73 9.17 14.61
N GLU A 106 -20.90 9.88 13.85
CA GLU A 106 -21.37 10.95 12.96
C GLU A 106 -22.38 10.47 11.92
N LYS A 107 -22.14 9.30 11.32
CA LYS A 107 -23.00 8.78 10.25
C LYS A 107 -24.37 8.31 10.77
N PHE A 108 -24.35 7.38 11.73
CA PHE A 108 -25.58 6.73 12.22
C PHE A 108 -26.11 7.25 13.56
N GLY A 109 -25.38 8.16 14.20
CA GLY A 109 -25.84 8.80 15.44
C GLY A 109 -25.98 7.82 16.60
N GLY A 110 -27.17 7.79 17.19
CA GLY A 110 -27.47 6.91 18.32
C GLY A 110 -26.74 7.33 19.57
N SER A 111 -26.36 6.36 20.39
CA SER A 111 -25.51 6.61 21.56
C SER A 111 -24.08 6.85 21.07
N ALA A 112 -23.32 7.62 21.83
CA ALA A 112 -21.94 7.98 21.46
C ALA A 112 -21.02 6.76 21.40
N SER A 113 -21.14 5.89 22.41
CA SER A 113 -20.32 4.67 22.50
C SER A 113 -21.15 3.37 22.36
N SER A 114 -22.30 3.45 21.69
CA SER A 114 -23.11 2.25 21.39
C SER A 114 -22.41 1.31 20.41
N GLY A 115 -21.70 1.90 19.43
CA GLY A 115 -21.00 1.14 18.42
C GLY A 115 -19.89 0.27 18.99
N LYS A 116 -19.86 -0.98 18.54
CA LYS A 116 -18.91 -1.97 19.01
C LYS A 116 -17.81 -2.14 17.97
N ILE A 117 -16.59 -2.37 18.44
CA ILE A 117 -15.43 -2.52 17.57
C ILE A 117 -14.71 -3.84 17.85
N VAL A 118 -14.43 -4.57 16.80
CA VAL A 118 -13.70 -5.83 16.86
C VAL A 118 -12.49 -5.73 15.94
N LEU A 119 -11.33 -6.13 16.43
CA LEU A 119 -10.10 -6.15 15.64
C LEU A 119 -9.79 -7.60 15.25
N MET A 120 -9.76 -7.87 13.95
CA MET A 120 -9.44 -9.20 13.43
C MET A 120 -8.09 -9.18 12.74
N GLY A 121 -7.24 -10.15 13.08
CA GLY A 121 -5.93 -10.32 12.46
C GLY A 121 -5.91 -11.57 11.59
N HIS A 122 -5.31 -11.45 10.41
CA HIS A 122 -5.18 -12.55 9.45
C HIS A 122 -3.71 -12.79 9.19
N SER A 123 -3.28 -14.04 9.33
CA SER A 123 -1.89 -14.45 9.18
C SER A 123 -0.99 -13.62 10.13
N THR A 124 0.02 -12.93 9.59
CA THR A 124 0.91 -12.10 10.42
C THR A 124 0.27 -10.81 10.94
N GLY A 125 -0.93 -10.46 10.45
CA GLY A 125 -1.75 -9.41 11.06
C GLY A 125 -2.19 -9.72 12.48
N SER A 126 -2.22 -11.01 12.84
CA SER A 126 -2.45 -11.45 14.22
C SER A 126 -1.41 -10.96 15.21
N GLN A 127 -0.17 -10.76 14.76
CA GLN A 127 0.89 -10.16 15.57
C GLN A 127 0.47 -8.76 16.03
N CYS A 128 -0.07 -7.97 15.10
CA CYS A 128 -0.57 -6.61 15.42
C CYS A 128 -1.68 -6.63 16.46
N VAL A 129 -2.55 -7.64 16.40
CA VAL A 129 -3.67 -7.78 17.35
C VAL A 129 -3.15 -8.04 18.77
N LEU A 130 -2.29 -9.04 18.92
CA LEU A 130 -1.70 -9.38 20.23
C LEU A 130 -0.80 -8.26 20.77
N HIS A 131 -0.05 -7.62 19.87
CA HIS A 131 0.81 -6.49 20.23
C HIS A 131 -0.01 -5.27 20.68
N TYR A 132 -1.12 -5.01 19.99
CA TYR A 132 -2.08 -3.97 20.38
C TYR A 132 -2.57 -4.18 21.82
N LEU A 133 -2.91 -5.42 22.15
CA LEU A 133 -3.50 -5.78 23.45
C LEU A 133 -2.49 -5.93 24.59
N SER A 134 -1.27 -6.37 24.28
CA SER A 134 -0.32 -6.83 25.31
C SER A 134 0.70 -5.78 25.78
N ARG A 135 1.06 -4.84 24.90
CA ARG A 135 2.15 -3.89 25.20
C ARG A 135 1.67 -2.71 26.04
N PRO A 136 2.61 -1.97 26.68
CA PRO A 136 2.26 -0.77 27.46
C PRO A 136 1.51 0.29 26.66
N ASN A 137 0.63 1.03 27.35
CA ASN A 137 -0.20 2.07 26.74
C ASN A 137 0.06 3.40 27.47
N PRO A 138 1.25 4.00 27.24
CA PRO A 138 1.58 5.26 27.88
C PRO A 138 0.84 6.45 27.27
N HIS A 139 0.82 7.54 28.04
CA HIS A 139 0.11 8.77 27.72
C HIS A 139 1.18 9.84 27.55
N THR A 140 2.08 9.63 26.59
CA THR A 140 3.24 10.50 26.39
C THR A 140 2.93 11.55 25.33
N HIS A 141 3.22 12.81 25.67
CA HIS A 141 2.99 13.95 24.77
C HIS A 141 4.30 14.71 24.60
N THR A 142 4.84 14.68 23.38
CA THR A 142 6.15 15.23 23.07
C THR A 142 6.04 16.55 22.33
N VAL A 152 -1.62 9.56 21.60
CA VAL A 152 -1.97 8.41 20.77
C VAL A 152 -2.29 7.21 21.67
N GLU A 153 -3.31 7.39 22.52
CA GLU A 153 -3.78 6.33 23.39
C GLU A 153 -4.60 5.34 22.58
N ARG A 154 -4.37 4.05 22.84
CA ARG A 154 -5.10 2.98 22.16
C ARG A 154 -6.41 2.78 22.89
N MET A 155 -7.50 2.71 22.13
CA MET A 155 -8.81 2.47 22.71
C MET A 155 -8.99 0.98 23.02
N PRO A 156 -9.84 0.66 24.01
CA PRO A 156 -10.13 -0.76 24.27
C PRO A 156 -11.06 -1.34 23.21
N LEU A 157 -10.89 -2.62 22.92
CA LEU A 157 -11.67 -3.33 21.91
C LEU A 157 -12.80 -4.11 22.58
N ASP A 158 -13.93 -4.19 21.89
CA ASP A 158 -15.06 -5.04 22.32
C ASP A 158 -14.85 -6.50 21.94
N GLY A 159 -13.92 -6.75 21.02
CA GLY A 159 -13.55 -8.11 20.64
C GLY A 159 -12.22 -8.17 19.91
N ALA A 160 -11.64 -9.36 19.86
CA ALA A 160 -10.38 -9.59 19.14
C ALA A 160 -10.34 -11.00 18.56
N ILE A 161 -10.03 -11.09 17.27
CA ILE A 161 -9.95 -12.37 16.57
C ILE A 161 -8.56 -12.49 15.93
N MET A 162 -7.97 -13.68 16.02
CA MET A 162 -6.70 -14.00 15.34
C MET A 162 -6.90 -15.24 14.49
N GLN A 163 -6.79 -15.07 13.17
CA GLN A 163 -6.99 -16.16 12.22
C GLN A 163 -5.63 -16.65 11.73
N ALA A 164 -5.35 -17.94 11.96
CA ALA A 164 -4.07 -18.57 11.61
C ALA A 164 -2.83 -17.79 12.11
N PRO A 165 -2.77 -17.51 13.43
CA PRO A 165 -1.55 -16.91 13.99
C PRO A 165 -0.43 -17.95 14.02
N VAL A 166 0.51 -17.81 13.09
CA VAL A 166 1.52 -18.83 12.82
C VAL A 166 2.91 -18.22 12.94
N SER A 167 3.82 -18.97 13.56
CA SER A 167 5.22 -18.56 13.70
C SER A 167 5.93 -18.63 12.35
N ASP A 168 6.45 -17.48 11.89
CA ASP A 168 7.28 -17.41 10.69
C ASP A 168 8.57 -18.19 10.87
N ARG A 169 9.15 -18.11 12.07
CA ARG A 169 10.33 -18.89 12.43
C ARG A 169 10.11 -20.39 12.23
N GLU A 170 9.03 -20.90 12.80
CA GLU A 170 8.67 -22.32 12.67
C GLU A 170 8.20 -22.70 11.27
N ALA A 171 7.63 -21.75 10.53
CA ALA A 171 7.28 -21.96 9.13
C ALA A 171 8.52 -22.17 8.25
N ILE A 172 9.59 -21.41 8.53
CA ILE A 172 10.86 -21.57 7.81
C ILE A 172 11.52 -22.91 8.15
N GLN A 173 11.49 -23.30 9.42
CA GLN A 173 11.95 -24.63 9.87
C GLN A 173 11.26 -25.76 9.10
N TRP A 174 9.97 -25.60 8.86
CA TRP A 174 9.15 -26.57 8.11
C TRP A 174 9.46 -26.55 6.62
N VAL A 175 9.74 -25.37 6.07
CA VAL A 175 10.21 -25.22 4.68
C VAL A 175 11.58 -25.89 4.49
N LEU A 176 12.49 -25.71 5.45
CA LEU A 176 13.80 -26.37 5.41
C LEU A 176 13.70 -27.89 5.60
N ALA A 177 12.69 -28.36 6.32
CA ALA A 177 12.45 -29.79 6.51
C ALA A 177 11.81 -30.44 5.27
N GLU A 178 10.75 -29.82 4.74
CA GLU A 178 9.91 -30.42 3.69
C GLU A 178 10.01 -29.82 2.28
N GLY A 179 10.51 -28.59 2.17
CA GLY A 179 10.53 -27.85 0.91
C GLY A 179 9.39 -26.84 0.81
N LEU A 180 9.30 -26.18 -0.34
CA LEU A 180 8.28 -25.17 -0.61
C LEU A 180 8.00 -25.05 -2.11
N GLY A 181 6.79 -25.39 -2.53
CA GLY A 181 6.40 -25.36 -3.93
C GLY A 181 7.07 -26.47 -4.72
N ASP A 182 7.73 -26.10 -5.81
CA ASP A 182 8.54 -27.05 -6.61
C ASP A 182 9.85 -27.42 -5.91
N ARG A 183 10.32 -26.58 -5.00
CA ARG A 183 11.68 -26.65 -4.46
C ARG A 183 11.76 -27.63 -3.29
N THR A 184 12.71 -28.56 -3.35
CA THR A 184 12.97 -29.53 -2.29
C THR A 184 13.88 -28.89 -1.21
N PRO A 185 13.98 -29.53 -0.02
CA PRO A 185 14.92 -29.11 1.03
C PRO A 185 16.38 -28.95 0.60
N ALA A 186 16.84 -29.86 -0.25
CA ALA A 186 18.22 -29.85 -0.74
C ALA A 186 18.56 -28.64 -1.62
N GLU A 187 17.55 -28.11 -2.31
CA GLU A 187 17.69 -26.93 -3.18
C GLU A 187 17.58 -25.62 -2.41
N ILE A 188 16.72 -25.61 -1.39
CA ILE A 188 16.47 -24.43 -0.55
C ILE A 188 17.61 -24.17 0.44
N ARG A 189 18.18 -25.24 0.99
CA ARG A 189 19.22 -25.16 2.03
C ARG A 189 20.42 -24.24 1.70
N PRO A 190 21.07 -24.43 0.52
CA PRO A 190 22.21 -23.57 0.14
C PRO A 190 21.87 -22.08 0.13
N VAL A 191 20.64 -21.76 -0.25
CA VAL A 191 20.17 -20.38 -0.32
C VAL A 191 19.95 -19.83 1.08
N PHE A 192 19.35 -20.63 1.97
CA PHE A 192 19.13 -20.25 3.37
C PHE A 192 20.44 -19.93 4.11
N GLU A 193 21.44 -20.78 3.91
CA GLU A 193 22.75 -20.61 4.55
C GLU A 193 23.48 -19.37 4.03
N LYS A 194 23.37 -19.13 2.71
CA LYS A 194 23.91 -17.93 2.09
C LYS A 194 23.17 -16.67 2.58
N LEU A 195 21.85 -16.75 2.71
CA LEU A 195 21.03 -15.64 3.21
C LEU A 195 21.36 -15.24 4.65
N THR A 196 21.56 -16.24 5.52
CA THR A 196 21.99 -15.98 6.90
C THR A 196 23.35 -15.31 6.95
N SER A 197 24.32 -15.89 6.23
CA SER A 197 25.68 -15.34 6.13
C SER A 197 25.70 -13.90 5.62
N MET A 198 24.85 -13.61 4.62
CA MET A 198 24.66 -12.25 4.12
C MET A 198 24.06 -11.33 5.17
N ALA A 199 23.01 -11.82 5.83
CA ALA A 199 22.28 -11.06 6.84
C ALA A 199 23.12 -10.74 8.08
N ARG A 200 23.93 -11.71 8.53
CA ARG A 200 24.84 -11.49 9.66
C ARG A 200 25.94 -10.48 9.33
N GLU A 201 26.49 -10.57 8.12
CA GLU A 201 27.51 -9.64 7.63
C GLU A 201 26.99 -8.21 7.57
N ALA A 202 25.74 -8.05 7.11
CA ALA A 202 25.09 -6.74 7.04
C ALA A 202 24.82 -6.14 8.42
N ALA A 203 24.41 -6.98 9.37
CA ALA A 203 24.18 -6.54 10.75
C ALA A 203 25.46 -5.97 11.38
N ARG A 204 26.58 -6.64 11.15
CA ARG A 204 27.89 -6.18 11.62
C ARG A 204 28.41 -4.94 10.88
N ASP A 205 28.29 -4.95 9.55
CA ASP A 205 29.03 -4.01 8.68
C ASP A 205 28.25 -2.82 8.11
N ALA A 206 26.91 -2.91 8.03
CA ALA A 206 26.12 -1.83 7.43
C ALA A 206 26.13 -0.57 8.28
N ASP A 207 26.08 0.59 7.64
CA ASP A 207 26.05 1.88 8.33
C ASP A 207 24.76 2.03 9.12
N ALA A 208 24.82 2.78 10.21
CA ALA A 208 23.65 3.01 11.06
C ALA A 208 22.54 3.70 10.27
N GLY A 209 21.31 3.23 10.45
CA GLY A 209 20.15 3.75 9.72
C GLY A 209 19.88 3.15 8.36
N THR A 210 20.84 2.40 7.80
CA THR A 210 20.65 1.74 6.50
C THR A 210 20.01 0.36 6.67
N ASP A 211 19.43 -0.12 5.58
CA ASP A 211 18.87 -1.48 5.51
C ASP A 211 19.37 -2.15 4.23
N VAL A 212 20.07 -3.27 4.39
CA VAL A 212 20.51 -4.08 3.25
C VAL A 212 19.37 -5.02 2.89
N LEU A 213 18.70 -4.74 1.77
CA LEU A 213 17.62 -5.60 1.27
C LEU A 213 18.22 -6.82 0.61
N LEU A 214 17.82 -8.01 1.08
CA LEU A 214 18.31 -9.27 0.53
C LEU A 214 17.58 -9.56 -0.78
N PRO A 215 18.20 -10.35 -1.68
CA PRO A 215 17.58 -10.58 -3.00
C PRO A 215 16.26 -11.32 -2.90
N LEU A 216 15.25 -10.83 -3.62
CA LEU A 216 13.92 -11.41 -3.63
C LEU A 216 13.95 -12.82 -4.24
N ALA A 217 14.78 -13.01 -5.27
CA ALA A 217 15.01 -14.32 -5.88
C ALA A 217 15.34 -15.40 -4.84
N MET A 218 16.21 -15.05 -3.90
CA MET A 218 16.66 -15.96 -2.84
C MET A 218 15.65 -16.11 -1.69
N THR A 219 15.18 -14.99 -1.14
CA THR A 219 14.31 -15.00 0.05
C THR A 219 12.96 -15.70 -0.17
N SER A 220 12.38 -15.51 -1.35
CA SER A 220 11.09 -16.13 -1.69
C SER A 220 11.11 -17.66 -1.79
N LEU A 221 12.30 -18.24 -1.99
CA LEU A 221 12.47 -19.69 -1.96
C LEU A 221 12.27 -20.26 -0.56
N VAL A 222 12.64 -19.49 0.45
CA VAL A 222 12.53 -19.91 1.86
C VAL A 222 11.38 -19.25 2.62
N TYR A 223 10.87 -18.12 2.14
CA TYR A 223 9.85 -17.37 2.86
C TYR A 223 8.46 -17.48 2.22
N PRO A 224 7.54 -18.26 2.86
CA PRO A 224 6.15 -18.46 2.42
C PRO A 224 5.34 -17.19 2.19
N ALA A 225 5.55 -16.18 3.02
CA ALA A 225 4.90 -14.87 2.86
C ALA A 225 5.27 -14.18 1.54
N HIS A 226 6.49 -14.44 1.05
CA HIS A 226 6.94 -13.97 -0.27
C HIS A 226 6.98 -12.43 -0.33
N THR A 227 7.40 -11.81 0.77
CA THR A 227 7.54 -10.36 0.87
C THR A 227 9.04 -10.05 0.94
N PRO A 228 9.47 -8.87 0.46
CA PRO A 228 10.90 -8.52 0.54
C PRO A 228 11.43 -8.48 1.97
N LEU A 229 12.73 -8.74 2.13
CA LEU A 229 13.34 -8.84 3.45
C LEU A 229 14.65 -8.07 3.54
N SER A 230 14.74 -7.20 4.55
CA SER A 230 16.00 -6.59 4.94
C SER A 230 16.83 -7.63 5.69
N ALA A 231 18.13 -7.38 5.79
CA ALA A 231 19.04 -8.25 6.52
C ALA A 231 18.66 -8.34 8.00
N ARG A 232 18.34 -7.20 8.61
CA ARG A 232 17.94 -7.16 10.01
C ARG A 232 16.63 -7.90 10.27
N ARG A 233 15.67 -7.76 9.37
CA ARG A 233 14.40 -8.46 9.50
C ARG A 233 14.56 -9.97 9.33
N PHE A 234 15.34 -10.38 8.33
CA PHE A 234 15.62 -11.79 8.10
C PHE A 234 16.32 -12.45 9.30
N LEU A 235 17.27 -11.76 9.91
CA LEU A 235 17.98 -12.27 11.09
C LEU A 235 17.06 -12.57 12.27
N SER A 236 16.05 -11.72 12.45
CA SER A 236 15.02 -11.94 13.46
C SER A 236 14.33 -13.29 13.27
N LEU A 237 14.06 -13.66 12.02
CA LEU A 237 13.32 -14.89 11.69
C LEU A 237 14.16 -16.17 11.79
N THR A 238 15.49 -16.08 11.64
CA THR A 238 16.36 -17.27 11.60
C THR A 238 17.32 -17.48 12.78
N SER A 239 17.68 -16.41 13.49
CA SER A 239 18.60 -16.52 14.64
C SER A 239 17.96 -17.34 15.75
N PRO A 240 18.77 -17.94 16.65
CA PRO A 240 18.16 -18.79 17.65
C PRO A 240 17.31 -17.97 18.61
N GLU A 241 16.03 -18.33 18.71
CA GLU A 241 15.19 -17.87 19.81
C GLU A 241 15.91 -18.22 21.10
N SER A 242 15.99 -17.26 22.01
CA SER A 242 16.59 -17.56 23.29
C SER A 242 15.53 -18.16 24.19
N PRO A 243 15.85 -19.30 24.85
CA PRO A 243 14.97 -19.85 25.87
C PRO A 243 14.50 -18.83 26.92
N GLU A 244 15.35 -17.85 27.25
CA GLU A 244 14.94 -16.72 28.10
C GLU A 244 14.03 -15.72 27.37
N SER A 245 14.32 -15.39 26.11
CA SER A 245 13.47 -14.45 25.33
C SER A 245 13.59 -14.48 23.77
N PRO A 246 12.44 -14.45 23.06
CA PRO A 246 12.33 -14.36 21.59
C PRO A 246 12.29 -12.94 21.02
N SER A 247 12.21 -12.85 19.69
CA SER A 247 12.12 -11.57 18.98
C SER A 247 10.70 -11.00 19.01
N GLU A 248 10.56 -9.77 18.50
CA GLU A 248 9.27 -9.06 18.42
C GLU A 248 8.22 -9.83 17.62
N ASP A 249 8.64 -10.39 16.48
CA ASP A 249 7.75 -11.15 15.60
C ASP A 249 7.34 -12.50 16.18
N ASP A 250 8.26 -13.13 16.92
CA ASP A 250 8.08 -14.49 17.40
C ASP A 250 7.15 -14.56 18.61
N LEU A 251 5.86 -14.36 18.35
CA LEU A 251 4.81 -14.42 19.38
C LEU A 251 4.14 -15.80 19.45
N PHE A 252 4.14 -16.54 18.34
CA PHE A 252 3.31 -17.73 18.18
C PHE A 252 4.07 -19.06 18.03
N SER A 253 5.36 -19.08 18.39
CA SER A 253 6.15 -20.33 18.34
C SER A 253 5.70 -21.30 19.44
N SER A 254 5.66 -22.59 19.09
CA SER A 254 5.17 -23.64 19.99
C SER A 254 6.11 -23.97 21.15
N ASP A 255 7.39 -23.62 21.03
CA ASP A 255 8.38 -23.91 22.08
C ASP A 255 8.69 -22.72 23.02
N LEU A 256 7.86 -21.67 22.97
CA LEU A 256 7.97 -20.57 23.93
C LEU A 256 7.52 -21.03 25.31
N SER A 257 8.21 -20.57 26.35
CA SER A 257 7.90 -20.95 27.73
C SER A 257 6.63 -20.27 28.22
N ASP A 258 6.09 -20.78 29.33
CA ASP A 258 4.93 -20.16 30.00
C ASP A 258 5.26 -18.77 30.56
N GLU A 259 6.52 -18.55 30.93
CA GLU A 259 7.00 -17.21 31.31
C GLU A 259 6.86 -16.23 30.15
N GLN A 260 7.28 -16.66 28.96
CA GLN A 260 7.21 -15.82 27.75
C GLN A 260 5.78 -15.56 27.29
N LEU A 261 4.92 -16.58 27.35
CA LEU A 261 3.50 -16.41 27.04
C LEU A 261 2.80 -15.47 28.04
N GLY A 262 3.26 -15.46 29.29
CA GLY A 262 2.80 -14.51 30.30
C GLY A 262 3.10 -13.04 29.97
N LYS A 263 4.18 -12.81 29.23
CA LYS A 263 4.55 -11.46 28.78
C LYS A 263 3.71 -10.94 27.61
N THR A 264 3.02 -11.83 26.89
CA THR A 264 2.23 -11.46 25.72
C THR A 264 0.73 -11.74 25.95
N PHE A 265 0.33 -13.01 25.86
CA PHE A 265 -1.07 -13.39 26.12
C PHE A 265 -1.50 -13.05 27.55
N GLY A 266 -0.58 -13.28 28.50
CA GLY A 266 -0.82 -12.95 29.91
C GLY A 266 -0.98 -11.47 30.23
N MET A 267 -0.42 -10.61 29.39
CA MET A 267 -0.58 -9.15 29.55
C MET A 267 -1.88 -8.58 28.95
N ILE A 268 -2.70 -9.41 28.29
CA ILE A 268 -3.98 -8.94 27.75
C ILE A 268 -4.90 -8.45 28.88
N ARG A 269 -4.98 -9.21 29.97
CA ARG A 269 -5.77 -8.81 31.14
C ARG A 269 -5.25 -7.53 31.80
N GLU A 270 -3.92 -7.38 31.85
CA GLU A 270 -3.29 -6.28 32.60
C GLU A 270 -3.43 -4.91 31.93
N GLN A 271 -3.30 -4.86 30.60
CA GLN A 271 -3.37 -3.59 29.86
C GLN A 271 -4.79 -3.02 29.74
N GLY A 272 -5.80 -3.88 29.85
CA GLY A 272 -7.21 -3.43 29.86
C GLY A 272 -7.74 -2.94 28.53
N LEU A 273 -7.24 -3.49 27.42
CA LEU A 273 -7.65 -3.08 26.08
C LEU A 273 -8.53 -4.12 25.36
N LEU A 274 -9.00 -5.13 26.09
CA LEU A 274 -9.98 -6.09 25.57
C LEU A 274 -11.10 -6.29 26.57
N ARG A 275 -12.18 -5.52 26.40
CA ARG A 275 -13.42 -5.73 27.17
C ARG A 275 -14.35 -6.67 26.40
N GLY A 276 -13.89 -7.91 26.25
CA GLY A 276 -14.57 -8.92 25.45
C GLY A 276 -13.72 -10.17 25.37
N LYS A 277 -13.95 -10.97 24.33
CA LYS A 277 -13.30 -12.27 24.18
C LYS A 277 -12.21 -12.27 23.11
N LEU A 278 -11.18 -13.09 23.32
CA LEU A 278 -10.17 -13.38 22.30
C LEU A 278 -10.47 -14.72 21.65
N MET A 279 -10.84 -14.71 20.37
CA MET A 279 -11.05 -15.95 19.61
C MET A 279 -9.88 -16.21 18.65
N VAL A 280 -9.23 -17.36 18.82
CA VAL A 280 -8.19 -17.82 17.90
C VAL A 280 -8.77 -18.91 16.99
N LEU A 281 -8.60 -18.72 15.69
CA LEU A 281 -9.05 -19.70 14.69
C LEU A 281 -7.86 -20.30 13.95
N PHE A 282 -7.40 -21.45 14.42
CA PHE A 282 -6.34 -22.20 13.73
C PHE A 282 -6.90 -22.89 12.48
N SER A 283 -6.00 -23.15 11.53
CA SER A 283 -6.31 -23.90 10.33
C SER A 283 -5.83 -25.34 10.53
N GLY A 284 -6.75 -26.30 10.40
CA GLY A 284 -6.46 -27.71 10.67
C GLY A 284 -5.47 -28.36 9.72
N ALA A 285 -5.49 -27.92 8.46
CA ALA A 285 -4.54 -28.37 7.45
C ALA A 285 -3.56 -27.25 7.08
N ASP A 286 -3.15 -26.46 8.07
CA ASP A 286 -2.24 -25.35 7.85
C ASP A 286 -0.89 -25.90 7.40
N GLN A 287 -0.55 -25.61 6.15
CA GLN A 287 0.70 -26.07 5.54
C GLN A 287 1.96 -25.34 6.04
N SER A 288 1.78 -24.19 6.70
CA SER A 288 2.90 -23.44 7.30
C SER A 288 3.33 -23.97 8.68
N VAL A 289 2.47 -24.74 9.34
CA VAL A 289 2.74 -25.23 10.70
C VAL A 289 3.39 -26.61 10.60
N PRO A 290 4.55 -26.81 11.26
CA PRO A 290 5.19 -28.13 11.22
C PRO A 290 4.34 -29.25 11.83
N ALA A 291 4.48 -30.45 11.29
CA ALA A 291 3.76 -31.63 11.79
C ALA A 291 4.20 -32.04 13.20
N TRP A 292 5.41 -31.65 13.61
CA TRP A 292 5.86 -31.86 15.00
C TRP A 292 5.21 -30.95 16.05
N VAL A 293 4.50 -29.90 15.61
CA VAL A 293 3.77 -29.00 16.50
C VAL A 293 2.39 -29.59 16.82
N ASP A 294 2.10 -29.75 18.11
CA ASP A 294 0.76 -30.11 18.58
C ASP A 294 -0.06 -28.82 18.68
N LYS A 295 -1.01 -28.65 17.75
CA LYS A 295 -1.84 -27.44 17.70
C LYS A 295 -2.81 -27.31 18.88
N ASP A 296 -3.27 -28.45 19.38
CA ASP A 296 -4.20 -28.49 20.52
C ASP A 296 -3.51 -28.07 21.82
N THR A 297 -2.31 -28.58 22.04
CA THR A 297 -1.46 -28.16 23.16
C THR A 297 -1.17 -26.66 23.07
N LEU A 298 -0.87 -26.18 21.86
CA LEU A 298 -0.55 -24.76 21.65
C LEU A 298 -1.71 -23.83 22.02
N LEU A 299 -2.92 -24.18 21.61
CA LEU A 299 -4.13 -23.38 21.96
C LEU A 299 -4.43 -23.38 23.46
N SER A 300 -4.29 -24.54 24.11
CA SER A 300 -4.53 -24.65 25.56
C SER A 300 -3.51 -23.85 26.37
N ARG A 301 -2.26 -23.84 25.93
CA ARG A 301 -1.21 -23.04 26.55
C ARG A 301 -1.45 -21.53 26.37
N TRP A 302 -1.94 -21.13 25.20
CA TRP A 302 -2.36 -19.73 24.98
C TRP A 302 -3.59 -19.38 25.83
N ARG A 303 -4.56 -20.30 25.89
CA ARG A 303 -5.74 -20.12 26.74
C ARG A 303 -5.36 -19.92 28.21
N ASN A 304 -4.53 -20.82 28.72
CA ASN A 304 -4.10 -20.78 30.13
C ASN A 304 -3.24 -19.55 30.45
N ALA A 305 -2.42 -19.12 29.49
CA ALA A 305 -1.68 -17.85 29.62
C ALA A 305 -2.63 -16.65 29.60
N THR A 306 -3.56 -16.63 28.65
CA THR A 306 -4.57 -15.56 28.54
C THR A 306 -5.48 -15.47 29.76
N ASP A 307 -5.97 -16.62 30.23
CA ASP A 307 -6.90 -16.69 31.37
C ASP A 307 -6.23 -16.77 32.74
N HIS A 308 -4.89 -16.80 32.77
CA HIS A 308 -4.11 -16.91 34.02
C HIS A 308 -4.51 -18.14 34.85
N ASN A 309 -4.63 -19.27 34.16
CA ASN A 309 -4.97 -20.57 34.77
C ASN A 309 -6.31 -20.55 35.53
N GLY A 310 -7.34 -20.05 34.86
CA GLY A 310 -8.71 -20.03 35.41
C GLY A 310 -9.08 -18.81 36.26
N GLU A 311 -8.16 -17.87 36.44
CA GLU A 311 -8.44 -16.63 37.17
C GLU A 311 -9.35 -15.69 36.39
N ALA A 312 -9.22 -15.70 35.06
CA ALA A 312 -10.04 -14.89 34.16
C ALA A 312 -10.74 -15.76 33.12
N ALA A 313 -11.64 -15.15 32.36
CA ALA A 313 -12.37 -15.81 31.28
C ALA A 313 -12.32 -14.95 30.00
N ILE A 314 -11.11 -14.53 29.64
CA ILE A 314 -10.89 -13.67 28.48
C ILE A 314 -10.90 -14.50 27.19
N TRP A 315 -10.20 -15.63 27.21
CA TRP A 315 -10.15 -16.55 26.07
C TRP A 315 -11.55 -17.02 25.69
N ASP A 316 -11.85 -16.97 24.38
CA ASP A 316 -13.11 -17.47 23.87
C ASP A 316 -13.00 -18.99 23.76
N GLU A 317 -13.85 -19.71 24.51
CA GLU A 317 -13.88 -21.18 24.44
C GLU A 317 -14.19 -21.70 23.03
N ASN A 318 -14.91 -20.92 22.24
CA ASN A 318 -15.19 -21.23 20.83
C ASN A 318 -13.97 -21.14 19.89
N SER A 319 -12.81 -20.73 20.41
CA SER A 319 -11.53 -20.89 19.70
C SER A 319 -11.26 -22.36 19.42
N GLY A 320 -10.59 -22.62 18.31
CA GLY A 320 -10.30 -23.99 17.91
C GLY A 320 -9.57 -24.11 16.59
N ILE A 321 -9.65 -25.31 16.02
CA ILE A 321 -8.89 -25.68 14.84
C ILE A 321 -9.90 -26.03 13.74
N ILE A 322 -9.98 -25.18 12.71
CA ILE A 322 -10.96 -25.35 11.63
C ILE A 322 -10.59 -26.61 10.84
N PRO A 323 -11.50 -27.61 10.75
CA PRO A 323 -11.18 -28.85 10.01
C PRO A 323 -10.88 -28.63 8.53
N ASN A 324 -9.79 -29.23 8.06
CA ASN A 324 -9.37 -29.20 6.65
C ASN A 324 -8.98 -27.82 6.07
N ALA A 325 -8.90 -26.79 6.92
CA ALA A 325 -8.60 -25.44 6.46
C ALA A 325 -7.10 -25.29 6.19
N SER A 326 -6.75 -24.61 5.11
CA SER A 326 -5.37 -24.26 4.81
C SER A 326 -5.09 -22.93 5.51
N HIS A 327 -3.85 -22.44 5.39
CA HIS A 327 -3.44 -21.20 6.05
C HIS A 327 -4.30 -20.00 5.68
N ALA A 328 -4.44 -19.76 4.38
CA ALA A 328 -5.22 -18.64 3.85
C ALA A 328 -6.59 -19.04 3.29
N LEU A 329 -6.89 -20.35 3.24
CA LEU A 329 -8.16 -20.86 2.72
C LEU A 329 -8.42 -20.40 1.27
N SER A 330 -7.36 -20.39 0.46
CA SER A 330 -7.36 -19.77 -0.87
C SER A 330 -7.99 -20.62 -1.97
N ASN A 331 -7.90 -21.95 -1.85
CA ASN A 331 -8.20 -22.87 -2.95
C ASN A 331 -9.70 -22.96 -3.28
N ASP A 332 -9.98 -23.65 -4.38
CA ASP A 332 -11.35 -24.07 -4.72
C ASP A 332 -11.76 -25.23 -3.80
N ASP A 333 -10.77 -26.05 -3.45
CA ASP A 333 -10.85 -27.04 -2.34
C ASP A 333 -11.41 -26.47 -1.03
N GLN A 334 -11.07 -25.21 -0.74
CA GLN A 334 -11.38 -24.55 0.54
C GLN A 334 -12.75 -23.88 0.67
N ALA A 335 -13.68 -24.17 -0.24
CA ALA A 335 -15.05 -23.62 -0.16
C ALA A 335 -15.75 -23.91 1.16
N GLU A 336 -15.64 -25.15 1.65
CA GLU A 336 -16.32 -25.57 2.88
C GLU A 336 -15.67 -25.00 4.16
N PRO A 337 -14.32 -25.08 4.29
CA PRO A 337 -13.65 -24.41 5.41
C PRO A 337 -13.83 -22.89 5.47
N ARG A 338 -13.83 -22.22 4.31
CA ARG A 338 -14.13 -20.78 4.25
C ARG A 338 -15.51 -20.47 4.80
N ASN A 339 -16.51 -21.22 4.33
CA ASN A 339 -17.89 -21.03 4.78
C ASN A 339 -18.02 -21.25 6.28
N PHE A 340 -17.33 -22.27 6.79
CA PHE A 340 -17.30 -22.57 8.22
C PHE A 340 -16.64 -21.44 9.00
N LEU A 341 -15.47 -21.00 8.54
CA LEU A 341 -14.74 -19.89 9.16
C LEU A 341 -15.60 -18.63 9.24
N VAL A 342 -16.24 -18.29 8.13
CA VAL A 342 -17.11 -17.10 8.06
C VAL A 342 -18.27 -17.24 9.05
N ASN A 343 -18.87 -18.43 9.12
CA ASN A 343 -19.95 -18.69 10.08
C ASN A 343 -19.50 -18.56 11.54
N LYS A 344 -18.26 -18.96 11.85
CA LYS A 344 -17.72 -18.78 13.20
C LYS A 344 -17.53 -17.30 13.55
N VAL A 345 -17.13 -16.49 12.56
CA VAL A 345 -17.00 -15.04 12.76
C VAL A 345 -18.36 -14.39 13.03
N LEU A 346 -19.36 -14.72 12.20
CA LEU A 346 -20.72 -14.22 12.40
C LEU A 346 -21.33 -14.63 13.74
N GLY A 347 -21.05 -15.86 14.18
CA GLY A 347 -21.48 -16.35 15.49
C GLY A 347 -20.82 -15.62 16.65
N TYR A 348 -19.53 -15.35 16.51
CA TYR A 348 -18.78 -14.51 17.46
C TYR A 348 -19.36 -13.10 17.55
N LEU A 349 -19.59 -12.49 16.39
CA LEU A 349 -20.17 -11.13 16.32
C LEU A 349 -21.62 -11.06 16.81
N SER A 350 -22.40 -12.11 16.57
CA SER A 350 -23.79 -12.20 17.05
C SER A 350 -23.87 -12.25 18.58
N ALA A 351 -23.02 -13.07 19.19
CA ALA A 351 -22.93 -13.19 20.65
C ALA A 351 -22.53 -11.87 21.32
N LEU A 352 -21.72 -11.07 20.62
CA LEU A 352 -21.27 -9.78 21.09
C LEU A 352 -22.41 -8.74 21.15
N VAL A 353 -23.29 -8.75 20.14
CA VAL A 353 -24.44 -7.83 20.11
C VAL A 353 -25.66 -8.27 20.94
N LYS A 354 -25.77 -9.56 21.25
CA LYS A 354 -26.77 -10.05 22.20
C LYS A 354 -26.31 -9.69 23.62
N ALA A 355 -26.66 -8.47 24.04
CA ALA A 355 -26.20 -7.87 25.29
C ALA A 355 -24.68 -7.70 25.33
N TRP B 7 -9.56 15.20 3.04
CA TRP B 7 -10.50 14.18 2.48
C TRP B 7 -11.95 14.47 2.92
N PRO B 8 -12.94 14.26 2.03
CA PRO B 8 -14.35 14.53 2.34
C PRO B 8 -14.91 13.80 3.56
N LYS B 9 -15.89 14.42 4.22
CA LYS B 9 -16.57 13.81 5.36
C LYS B 9 -17.31 12.54 4.93
N GLY B 10 -17.08 11.45 5.67
CA GLY B 10 -17.72 10.17 5.41
C GLY B 10 -17.07 9.32 4.33
N GLY B 11 -15.86 9.68 3.91
CA GLY B 11 -15.16 8.95 2.85
C GLY B 11 -15.78 9.16 1.47
N LEU B 12 -15.25 8.46 0.48
CA LEU B 12 -15.76 8.54 -0.89
C LEU B 12 -16.14 7.16 -1.42
N PRO B 13 -17.39 7.01 -1.91
CA PRO B 13 -17.87 5.71 -2.36
C PRO B 13 -17.25 5.26 -3.67
N GLY B 14 -17.14 3.95 -3.86
CA GLY B 14 -16.55 3.40 -5.06
C GLY B 14 -16.48 1.89 -5.05
N ILE B 15 -15.59 1.34 -5.88
CA ILE B 15 -15.42 -0.11 -6.03
C ILE B 15 -13.93 -0.45 -5.97
N LEU B 16 -13.57 -1.39 -5.10
CA LEU B 16 -12.19 -1.87 -5.00
C LEU B 16 -12.02 -3.09 -5.89
N HIS B 17 -11.05 -2.99 -6.82
CA HIS B 17 -10.76 -4.06 -7.78
C HIS B 17 -9.40 -4.66 -7.54
N HIS B 18 -9.24 -5.93 -7.94
CA HIS B 18 -7.95 -6.61 -7.97
C HIS B 18 -7.59 -6.86 -9.43
N TYR B 19 -6.66 -6.07 -9.95
CA TYR B 19 -6.18 -6.24 -11.34
C TYR B 19 -5.09 -7.31 -11.47
N THR B 20 -4.44 -7.63 -10.34
CA THR B 20 -3.69 -8.89 -10.18
C THR B 20 -4.09 -9.49 -8.83
N GLU B 21 -3.52 -10.65 -8.50
CA GLU B 21 -3.74 -11.28 -7.19
C GLU B 21 -3.37 -10.35 -6.02
N THR B 22 -2.25 -9.64 -6.16
CA THR B 22 -1.68 -8.80 -5.09
C THR B 22 -1.82 -7.28 -5.29
N LEU B 23 -2.23 -6.83 -6.47
CA LEU B 23 -2.33 -5.39 -6.77
C LEU B 23 -3.78 -4.97 -6.96
N VAL B 24 -4.11 -3.76 -6.52
CA VAL B 24 -5.48 -3.26 -6.49
C VAL B 24 -5.62 -1.90 -7.18
N THR B 25 -6.83 -1.64 -7.66
CA THR B 25 -7.20 -0.30 -8.16
C THR B 25 -8.58 0.06 -7.62
N PHE B 26 -8.72 1.27 -7.08
CA PHE B 26 -9.98 1.76 -6.55
C PHE B 26 -10.67 2.63 -7.60
N GLU B 27 -11.92 2.30 -7.90
CA GLU B 27 -12.73 3.03 -8.87
C GLU B 27 -13.67 3.99 -8.16
N TYR B 28 -13.56 5.28 -8.45
CA TYR B 28 -14.50 6.28 -7.97
C TYR B 28 -15.65 6.33 -8.97
N THR B 29 -16.85 6.03 -8.51
CA THR B 29 -18.02 5.96 -9.39
C THR B 29 -19.31 5.92 -8.58
N THR B 30 -20.41 6.21 -9.26
CA THR B 30 -21.76 5.99 -8.73
C THR B 30 -22.63 5.38 -9.84
N THR B 31 -23.71 4.72 -9.43
CA THR B 31 -24.57 3.96 -10.34
C THR B 31 -25.59 4.80 -11.15
N THR B 32 -25.69 6.10 -10.86
CA THR B 32 -26.69 6.95 -11.50
C THR B 32 -26.45 7.21 -13.00
N THR B 33 -25.19 7.16 -13.42
CA THR B 33 -24.81 7.34 -14.81
C THR B 33 -23.97 6.14 -15.25
N ARG B 34 -24.16 5.70 -16.50
CA ARG B 34 -23.30 4.65 -17.08
C ARG B 34 -21.90 5.19 -17.31
N LYS B 35 -20.90 4.30 -17.21
CA LYS B 35 -19.49 4.67 -17.21
C LYS B 35 -18.69 3.84 -18.22
N PRO B 36 -18.98 4.01 -19.53
CA PRO B 36 -18.20 3.30 -20.55
C PRO B 36 -16.73 3.73 -20.63
N HIS B 37 -16.44 4.99 -20.26
CA HIS B 37 -15.10 5.55 -20.35
C HIS B 37 -14.38 5.48 -19.00
N SER B 38 -13.04 5.46 -19.03
CA SER B 38 -12.21 5.29 -17.83
C SER B 38 -10.98 6.18 -17.84
N LEU B 39 -10.73 6.85 -16.71
CA LEU B 39 -9.52 7.64 -16.49
C LEU B 39 -8.68 6.95 -15.42
N LEU B 40 -7.53 6.40 -15.82
CA LEU B 40 -6.59 5.77 -14.88
C LEU B 40 -5.57 6.79 -14.39
N PHE B 41 -5.60 7.03 -13.08
CA PHE B 41 -4.83 8.07 -12.41
C PHE B 41 -3.64 7.41 -11.71
N VAL B 42 -2.42 7.79 -12.09
CA VAL B 42 -1.18 7.13 -11.64
C VAL B 42 -0.32 8.10 -10.84
N GLY B 43 0.34 7.57 -9.81
CA GLY B 43 1.37 8.28 -9.07
C GLY B 43 2.24 7.37 -8.23
N GLY B 44 3.38 7.88 -7.79
CA GLY B 44 4.22 7.18 -6.81
C GLY B 44 3.54 7.17 -5.44
N LEU B 45 4.19 6.58 -4.44
CA LEU B 45 3.61 6.51 -3.09
C LEU B 45 3.34 7.92 -2.54
N GLY B 46 2.08 8.19 -2.23
CA GLY B 46 1.63 9.52 -1.84
C GLY B 46 0.90 10.28 -2.96
N ASP B 47 1.13 9.86 -4.21
CA ASP B 47 0.49 10.45 -5.39
C ASP B 47 -0.52 9.51 -6.07
N GLY B 48 -0.77 8.34 -5.48
CA GLY B 48 -1.57 7.28 -6.11
C GLY B 48 -2.93 7.04 -5.49
N LEU B 49 -3.16 5.81 -5.02
CA LEU B 49 -4.43 5.41 -4.40
C LEU B 49 -4.69 6.14 -3.08
N ALA B 50 -3.63 6.33 -2.30
CA ALA B 50 -3.71 7.01 -1.00
C ALA B 50 -3.33 8.49 -1.05
N THR B 51 -3.37 9.12 -2.24
CA THR B 51 -3.11 10.56 -2.34
C THR B 51 -4.32 11.35 -1.86
N THR B 52 -4.05 12.61 -1.49
CA THR B 52 -5.11 13.57 -1.22
C THR B 52 -5.16 14.50 -2.43
N SER B 53 -4.34 15.55 -2.42
CA SER B 53 -4.14 16.41 -3.59
C SER B 53 -5.48 17.01 -4.10
N TYR B 54 -5.86 16.73 -5.35
CA TYR B 54 -7.11 17.22 -5.95
C TYR B 54 -8.02 16.05 -6.36
N LEU B 55 -7.75 14.86 -5.82
CA LEU B 55 -8.41 13.64 -6.26
C LEU B 55 -9.89 13.60 -5.89
N ALA B 56 -10.22 14.09 -4.70
CA ALA B 56 -11.61 14.19 -4.24
C ALA B 56 -12.43 15.11 -5.14
N ASP B 57 -11.86 16.25 -5.52
CA ASP B 57 -12.51 17.19 -6.45
C ASP B 57 -12.70 16.61 -7.85
N LEU B 58 -11.68 15.89 -8.34
CA LEU B 58 -11.75 15.25 -9.66
C LEU B 58 -12.82 14.15 -9.68
N ALA B 59 -12.80 13.29 -8.66
CA ALA B 59 -13.80 12.23 -8.52
C ALA B 59 -15.22 12.76 -8.48
N HIS B 60 -15.45 13.81 -7.70
CA HIS B 60 -16.77 14.44 -7.60
C HIS B 60 -17.22 15.08 -8.92
N ALA B 61 -16.27 15.70 -9.63
CA ALA B 61 -16.53 16.34 -10.93
C ALA B 61 -16.89 15.36 -12.04
N LEU B 62 -16.39 14.12 -11.97
CA LEU B 62 -16.69 13.09 -12.96
C LEU B 62 -18.02 12.34 -12.72
N GLN B 63 -18.64 12.55 -11.56
CA GLN B 63 -19.89 11.83 -11.20
C GLN B 63 -21.05 11.97 -12.21
N PRO B 64 -21.30 13.21 -12.71
CA PRO B 64 -22.33 13.35 -13.76
C PRO B 64 -21.89 12.91 -15.18
N THR B 65 -20.60 12.69 -15.40
CA THR B 65 -20.08 12.33 -16.73
C THR B 65 -20.19 10.83 -16.97
N GLU B 66 -19.78 10.41 -18.18
CA GLU B 66 -19.67 8.98 -18.52
C GLU B 66 -18.27 8.39 -18.24
N TRP B 67 -17.46 9.08 -17.44
CA TRP B 67 -16.12 8.63 -17.05
C TRP B 67 -16.10 8.23 -15.57
N SER B 68 -15.53 7.07 -15.27
CA SER B 68 -15.19 6.70 -13.89
C SER B 68 -13.67 6.86 -13.71
N LEU B 69 -13.27 7.14 -12.48
CA LEU B 69 -11.86 7.42 -12.14
C LEU B 69 -11.25 6.22 -11.40
N PHE B 70 -10.17 5.68 -11.95
CA PHE B 70 -9.39 4.62 -11.31
C PHE B 70 -8.09 5.19 -10.76
N THR B 71 -7.68 4.69 -9.59
CA THR B 71 -6.38 4.98 -8.98
C THR B 71 -5.79 3.63 -8.59
N LEU B 72 -4.47 3.47 -8.61
CA LEU B 72 -3.89 2.12 -8.38
C LEU B 72 -2.66 2.05 -7.48
N THR B 73 -2.45 0.84 -6.96
CA THR B 73 -1.21 0.43 -6.33
C THR B 73 -0.37 -0.32 -7.36
N LEU B 74 0.92 -0.02 -7.39
CA LEU B 74 1.91 -0.69 -8.23
C LEU B 74 2.76 -1.56 -7.29
N THR B 75 3.80 -2.19 -7.83
CA THR B 75 4.82 -2.83 -6.98
C THR B 75 5.67 -1.68 -6.43
N SER B 76 5.94 -0.70 -7.29
CA SER B 76 6.65 0.51 -6.88
C SER B 76 5.89 1.38 -5.87
N SER B 77 4.58 1.22 -5.70
CA SER B 77 3.87 1.90 -4.62
C SER B 77 4.24 1.30 -3.27
N TYR B 78 4.36 -0.03 -3.22
CA TYR B 78 4.85 -0.69 -2.02
C TYR B 78 6.32 -0.32 -1.77
N GLN B 79 7.20 -0.68 -2.69
CA GLN B 79 8.63 -0.29 -2.60
C GLN B 79 8.86 1.22 -2.44
N SER B 80 8.07 2.02 -3.18
CA SER B 80 8.23 3.48 -3.32
C SER B 80 9.36 3.80 -4.31
N GLY B 84 15.49 0.63 -13.25
CA GLY B 84 14.68 -0.52 -13.60
C GLY B 84 13.24 -0.49 -13.14
N HIS B 85 12.88 0.49 -12.30
CA HIS B 85 11.52 0.58 -11.75
C HIS B 85 10.47 0.97 -12.80
N LEU B 86 10.86 1.77 -13.80
CA LEU B 86 9.92 2.23 -14.83
C LEU B 86 9.39 1.13 -15.75
N ASP B 87 10.21 0.11 -16.02
CA ASP B 87 9.75 -1.07 -16.76
C ASP B 87 8.70 -1.88 -15.97
N ARG B 88 8.92 -2.01 -14.67
CA ARG B 88 7.95 -2.66 -13.78
C ARG B 88 6.67 -1.84 -13.66
N ASP B 89 6.80 -0.52 -13.50
CA ASP B 89 5.65 0.39 -13.46
C ASP B 89 4.82 0.27 -14.73
N THR B 90 5.51 0.36 -15.86
CA THR B 90 4.92 0.20 -17.19
C THR B 90 4.11 -1.09 -17.32
N ASN B 91 4.71 -2.20 -16.89
CA ASN B 91 4.05 -3.52 -16.94
C ASN B 91 2.78 -3.57 -16.09
N GLU B 92 2.83 -2.96 -14.90
CA GLU B 92 1.69 -2.97 -13.99
C GLU B 92 0.57 -2.02 -14.39
N ILE B 93 0.93 -0.91 -15.03
CA ILE B 93 -0.06 -0.03 -15.67
C ILE B 93 -0.75 -0.77 -16.82
N ALA B 94 0.05 -1.47 -17.64
CA ALA B 94 -0.49 -2.28 -18.74
C ALA B 94 -1.45 -3.37 -18.24
N GLN B 95 -1.11 -4.01 -17.12
CA GLN B 95 -1.98 -5.01 -16.48
C GLN B 95 -3.28 -4.39 -15.95
N CYS B 96 -3.19 -3.22 -15.34
CA CYS B 96 -4.38 -2.52 -14.82
C CYS B 96 -5.29 -2.04 -15.95
N LEU B 97 -4.70 -1.48 -17.00
CA LEU B 97 -5.44 -1.06 -18.20
C LEU B 97 -6.15 -2.24 -18.89
N LYS B 98 -5.47 -3.37 -18.97
CA LYS B 98 -6.07 -4.62 -19.47
C LYS B 98 -7.29 -5.02 -18.64
N TYR B 99 -7.16 -4.95 -17.32
CA TYR B 99 -8.26 -5.26 -16.40
C TYR B 99 -9.44 -4.30 -16.58
N ILE B 100 -9.15 -3.00 -16.59
CA ILE B 100 -10.17 -1.95 -16.73
C ILE B 100 -10.97 -2.13 -18.03
N LYS B 101 -10.26 -2.38 -19.13
CA LYS B 101 -10.89 -2.56 -20.44
C LYS B 101 -11.84 -3.76 -20.45
N GLU B 102 -11.36 -4.89 -19.92
CA GLU B 102 -12.19 -6.11 -19.81
C GLU B 102 -13.41 -5.88 -18.92
N TYR B 103 -13.17 -5.28 -17.75
CA TYR B 103 -14.23 -4.95 -16.79
C TYR B 103 -15.29 -4.04 -17.41
N LYS B 104 -14.85 -2.97 -18.06
CA LYS B 104 -15.76 -2.01 -18.71
C LYS B 104 -16.44 -2.58 -19.96
N THR B 105 -15.78 -3.48 -20.67
CA THR B 105 -16.38 -4.20 -21.80
C THR B 105 -17.52 -5.11 -21.33
N GLU B 106 -17.25 -5.90 -20.28
CA GLU B 106 -18.28 -6.77 -19.68
C GLU B 106 -19.46 -5.98 -19.10
N LYS B 107 -19.17 -4.82 -18.53
CA LYS B 107 -20.18 -4.00 -17.86
C LYS B 107 -21.01 -3.17 -18.85
N PHE B 108 -20.34 -2.48 -19.78
CA PHE B 108 -21.00 -1.51 -20.68
C PHE B 108 -20.85 -1.76 -22.18
N GLY B 109 -20.28 -2.90 -22.58
CA GLY B 109 -20.08 -3.24 -23.99
C GLY B 109 -18.72 -2.83 -24.52
N GLY B 110 -18.28 -3.49 -25.59
CA GLY B 110 -16.95 -3.29 -26.17
C GLY B 110 -16.90 -2.16 -27.18
N SER B 111 -16.26 -2.40 -28.32
CA SER B 111 -16.02 -1.36 -29.35
C SER B 111 -17.27 -0.65 -29.86
N ALA B 112 -18.42 -1.34 -29.88
CA ALA B 112 -19.70 -0.73 -30.26
C ALA B 112 -20.17 0.36 -29.29
N SER B 113 -19.81 0.23 -28.02
CA SER B 113 -20.11 1.27 -27.02
C SER B 113 -19.16 2.48 -27.07
N SER B 114 -18.05 2.34 -27.81
CA SER B 114 -17.10 3.43 -28.05
C SER B 114 -16.41 3.89 -26.75
N GLY B 115 -16.02 2.92 -25.93
CA GLY B 115 -15.36 3.17 -24.67
C GLY B 115 -13.95 3.67 -24.88
N LYS B 116 -13.49 4.53 -23.97
CA LYS B 116 -12.25 5.29 -24.12
C LYS B 116 -11.46 5.15 -22.84
N ILE B 117 -10.14 5.06 -22.97
CA ILE B 117 -9.23 4.91 -21.84
C ILE B 117 -8.20 6.03 -21.90
N VAL B 118 -8.09 6.78 -20.80
CA VAL B 118 -7.11 7.85 -20.65
C VAL B 118 -6.20 7.52 -19.47
N LEU B 119 -4.89 7.73 -19.63
CA LEU B 119 -3.92 7.53 -18.57
C LEU B 119 -3.44 8.90 -18.10
N MET B 120 -3.62 9.19 -16.81
CA MET B 120 -3.23 10.47 -16.22
C MET B 120 -2.12 10.26 -15.19
N GLY B 121 -1.02 10.97 -15.37
CA GLY B 121 0.11 10.96 -14.45
C GLY B 121 0.03 12.13 -13.49
N HIS B 122 0.13 11.83 -12.20
CA HIS B 122 0.14 12.83 -11.14
C HIS B 122 1.53 12.86 -10.53
N SER B 123 2.19 14.02 -10.64
CA SER B 123 3.53 14.24 -10.09
C SER B 123 4.54 13.17 -10.59
N THR B 124 4.95 12.25 -9.72
CA THR B 124 5.85 11.14 -10.08
C THR B 124 5.26 10.19 -11.12
N GLY B 125 3.93 10.09 -11.14
CA GLY B 125 3.23 9.28 -12.14
C GLY B 125 3.43 9.72 -13.58
N SER B 126 3.76 10.99 -13.80
CA SER B 126 4.04 11.52 -15.14
C SER B 126 5.20 10.82 -15.84
N GLN B 127 6.23 10.43 -15.09
CA GLN B 127 7.34 9.63 -15.62
C GLN B 127 6.85 8.29 -16.17
N CYS B 128 5.94 7.65 -15.44
CA CYS B 128 5.32 6.39 -15.86
C CYS B 128 4.49 6.54 -17.14
N VAL B 129 3.80 7.68 -17.28
CA VAL B 129 3.01 7.97 -18.48
C VAL B 129 3.90 8.10 -19.72
N LEU B 130 4.98 8.89 -19.60
CA LEU B 130 5.89 9.11 -20.72
C LEU B 130 6.65 7.84 -21.09
N HIS B 131 7.11 7.09 -20.08
CA HIS B 131 7.80 5.82 -20.30
C HIS B 131 6.91 4.74 -20.92
N TYR B 132 5.66 4.67 -20.47
CA TYR B 132 4.64 3.79 -21.06
C TYR B 132 4.47 4.06 -22.55
N LEU B 133 4.42 5.35 -22.91
CA LEU B 133 4.18 5.78 -24.28
C LEU B 133 5.40 5.68 -25.21
N SER B 134 6.58 5.93 -24.68
CA SER B 134 7.78 6.07 -25.54
C SER B 134 8.73 4.87 -25.51
N ARG B 135 8.65 4.02 -24.50
CA ARG B 135 9.62 2.89 -24.50
C ARG B 135 9.33 1.92 -25.64
N PRO B 136 10.38 1.43 -26.33
CA PRO B 136 10.22 0.46 -27.42
C PRO B 136 10.16 -0.97 -26.89
N HIS B 151 5.61 -9.99 -18.55
CA HIS B 151 5.51 -8.90 -19.50
C HIS B 151 4.16 -8.92 -20.24
N VAL B 152 3.26 -8.03 -19.82
CA VAL B 152 2.00 -7.81 -20.52
C VAL B 152 2.23 -6.74 -21.59
N GLU B 153 1.69 -6.99 -22.79
CA GLU B 153 1.82 -6.07 -23.91
C GLU B 153 0.98 -4.82 -23.65
N ARG B 154 1.58 -3.65 -23.89
CA ARG B 154 0.91 -2.37 -23.66
C ARG B 154 -0.18 -2.13 -24.70
N MET B 155 -1.38 -1.79 -24.22
CA MET B 155 -2.48 -1.42 -25.12
C MET B 155 -2.33 0.05 -25.52
N PRO B 156 -2.86 0.44 -26.69
CA PRO B 156 -2.94 1.86 -27.02
C PRO B 156 -3.89 2.63 -26.11
N LEU B 157 -3.60 3.91 -25.90
CA LEU B 157 -4.42 4.82 -25.10
C LEU B 157 -5.17 5.77 -26.01
N ASP B 158 -6.41 6.09 -25.65
CA ASP B 158 -7.18 7.12 -26.34
C ASP B 158 -6.69 8.53 -25.94
N GLY B 159 -6.15 8.66 -24.73
CA GLY B 159 -5.56 9.93 -24.29
C GLY B 159 -4.50 9.77 -23.22
N ALA B 160 -3.73 10.83 -23.00
CA ALA B 160 -2.73 10.87 -21.94
C ALA B 160 -2.63 12.27 -21.33
N ILE B 161 -2.51 12.32 -20.00
CA ILE B 161 -2.36 13.59 -19.26
C ILE B 161 -1.16 13.46 -18.32
N MET B 162 -0.35 14.52 -18.24
CA MET B 162 0.75 14.61 -17.27
C MET B 162 0.58 15.90 -16.48
N GLN B 163 0.35 15.77 -15.17
CA GLN B 163 0.13 16.90 -14.28
C GLN B 163 1.34 17.04 -13.34
N ALA B 164 1.92 18.24 -13.32
CA ALA B 164 3.13 18.54 -12.53
C ALA B 164 4.30 17.56 -12.77
N PRO B 165 4.69 17.33 -14.04
CA PRO B 165 5.88 16.53 -14.30
C PRO B 165 7.14 17.31 -13.93
N VAL B 166 7.93 16.77 -13.00
CA VAL B 166 9.07 17.49 -12.43
C VAL B 166 10.34 16.64 -12.40
N SER B 167 11.47 17.32 -12.59
CA SER B 167 12.78 16.67 -12.47
C SER B 167 13.12 16.51 -10.99
N ASP B 168 13.36 15.27 -10.58
CA ASP B 168 13.83 14.96 -9.23
C ASP B 168 15.27 15.48 -9.01
N ARG B 169 16.09 15.39 -10.06
CA ARG B 169 17.44 15.96 -10.08
C ARG B 169 17.43 17.45 -9.75
N GLU B 170 16.65 18.21 -10.50
CA GLU B 170 16.57 19.67 -10.31
C GLU B 170 15.82 20.09 -9.05
N ALA B 171 14.90 19.25 -8.58
CA ALA B 171 14.23 19.47 -7.29
C ALA B 171 15.21 19.38 -6.12
N ILE B 172 16.15 18.44 -6.20
CA ILE B 172 17.21 18.30 -5.19
C ILE B 172 18.21 19.46 -5.29
N GLN B 173 18.60 19.83 -6.51
CA GLN B 173 19.42 21.03 -6.76
C GLN B 173 18.81 22.27 -6.12
N TRP B 174 17.49 22.40 -6.27
CA TRP B 174 16.73 23.52 -5.72
C TRP B 174 16.72 23.51 -4.19
N VAL B 175 16.57 22.33 -3.60
CA VAL B 175 16.66 22.15 -2.15
C VAL B 175 18.05 22.51 -1.62
N LEU B 176 19.10 22.10 -2.33
CA LEU B 176 20.48 22.45 -1.97
C LEU B 176 20.77 23.95 -2.09
N ALA B 177 20.12 24.62 -3.03
CA ALA B 177 20.26 26.07 -3.20
C ALA B 177 19.44 26.88 -2.19
N GLU B 178 18.19 26.46 -1.95
CA GLU B 178 17.22 27.26 -1.16
C GLU B 178 16.73 26.64 0.16
N GLY B 179 17.07 25.39 0.44
CA GLY B 179 16.58 24.68 1.62
C GLY B 179 15.24 24.00 1.41
N LEU B 180 14.71 23.41 2.48
CA LEU B 180 13.43 22.69 2.45
C LEU B 180 12.80 22.68 3.84
N GLY B 181 11.53 23.07 3.92
CA GLY B 181 10.80 23.11 5.19
C GLY B 181 11.36 24.17 6.12
N ASP B 182 11.83 23.73 7.30
CA ASP B 182 12.51 24.62 8.26
C ASP B 182 14.04 24.59 8.15
N ARG B 183 14.58 23.82 7.21
CA ARG B 183 16.03 23.75 6.98
C ARG B 183 16.49 24.78 5.94
N THR B 184 17.57 25.50 6.26
CA THR B 184 18.29 26.34 5.31
C THR B 184 19.32 25.45 4.58
N PRO B 185 19.88 25.93 3.45
CA PRO B 185 20.92 25.16 2.74
C PRO B 185 22.14 24.77 3.59
N ALA B 186 22.48 25.61 4.56
CA ALA B 186 23.54 25.33 5.53
C ALA B 186 23.24 24.11 6.41
N GLU B 187 21.98 23.98 6.84
CA GLU B 187 21.53 22.83 7.63
C GLU B 187 21.41 21.54 6.80
N ILE B 188 21.06 21.68 5.52
CA ILE B 188 20.91 20.54 4.61
C ILE B 188 22.25 19.96 4.15
N ARG B 189 23.24 20.83 3.95
CA ARG B 189 24.52 20.43 3.38
C ARG B 189 25.29 19.32 4.12
N PRO B 190 25.36 19.36 5.47
CA PRO B 190 26.00 18.25 6.19
C PRO B 190 25.25 16.92 6.09
N VAL B 191 23.92 16.99 5.98
CA VAL B 191 23.07 15.80 5.79
C VAL B 191 23.29 15.21 4.41
N PHE B 192 23.30 16.07 3.40
CA PHE B 192 23.55 15.69 2.02
C PHE B 192 24.93 15.05 1.84
N GLU B 193 25.94 15.63 2.49
CA GLU B 193 27.31 15.10 2.46
C GLU B 193 27.43 13.75 3.15
N LYS B 194 26.74 13.59 4.29
CA LYS B 194 26.73 12.30 5.00
C LYS B 194 26.05 11.23 4.16
N LEU B 195 24.90 11.56 3.56
CA LEU B 195 24.20 10.64 2.65
C LEU B 195 25.06 10.26 1.45
N THR B 196 25.85 11.21 0.94
CA THR B 196 26.84 10.92 -0.11
C THR B 196 27.86 9.91 0.41
N SER B 197 28.43 10.18 1.59
CA SER B 197 29.41 9.28 2.22
C SER B 197 28.82 7.91 2.55
N MET B 198 27.57 7.88 3.01
CA MET B 198 26.84 6.62 3.27
C MET B 198 26.57 5.86 1.97
N ALA B 199 26.23 6.58 0.91
CA ALA B 199 25.90 5.98 -0.39
C ALA B 199 27.10 5.41 -1.13
N ARG B 200 28.23 6.11 -1.12
CA ARG B 200 29.46 5.64 -1.78
C ARG B 200 29.99 4.36 -1.13
N GLU B 201 29.90 4.29 0.19
CA GLU B 201 30.29 3.11 0.97
C GLU B 201 29.41 1.89 0.66
N ALA B 202 28.12 2.14 0.39
CA ALA B 202 27.19 1.09 -0.03
C ALA B 202 27.52 0.56 -1.43
N ALA B 203 27.72 1.47 -2.38
CA ALA B 203 28.14 1.11 -3.74
C ALA B 203 29.65 0.89 -3.78
N THR B 210 21.89 -7.10 -2.73
CA THR B 210 22.90 -6.07 -2.41
C THR B 210 22.39 -4.64 -2.66
N ASP B 211 21.11 -4.39 -2.40
CA ASP B 211 20.56 -3.04 -2.49
C ASP B 211 20.45 -2.46 -1.08
N VAL B 212 20.96 -1.24 -0.92
CA VAL B 212 21.06 -0.59 0.38
C VAL B 212 20.15 0.62 0.42
N LEU B 213 19.19 0.61 1.35
CA LEU B 213 18.30 1.75 1.56
C LEU B 213 18.94 2.71 2.55
N LEU B 214 18.96 3.99 2.19
CA LEU B 214 19.51 5.04 3.06
C LEU B 214 18.49 5.39 4.14
N PRO B 215 18.93 6.01 5.26
CA PRO B 215 18.00 6.41 6.33
C PRO B 215 16.93 7.38 5.84
N LEU B 216 15.66 7.03 6.06
CA LEU B 216 14.54 7.84 5.57
C LEU B 216 14.42 9.19 6.28
N ALA B 217 14.83 9.24 7.55
CA ALA B 217 14.86 10.50 8.31
C ALA B 217 15.91 11.49 7.81
N MET B 218 16.93 11.00 7.09
CA MET B 218 17.96 11.86 6.48
C MET B 218 17.69 12.19 5.01
N THR B 219 17.23 11.23 4.23
CA THR B 219 16.90 11.46 2.81
C THR B 219 15.68 12.37 2.64
N SER B 220 14.71 12.27 3.55
CA SER B 220 13.52 13.14 3.54
C SER B 220 13.83 14.62 3.81
N LEU B 221 14.97 14.90 4.46
CA LEU B 221 15.44 16.27 4.65
C LEU B 221 15.84 16.94 3.34
N VAL B 222 16.38 16.17 2.40
CA VAL B 222 16.78 16.71 1.09
C VAL B 222 15.82 16.38 -0.07
N TYR B 223 15.09 15.26 0.04
CA TYR B 223 14.25 14.78 -1.06
C TYR B 223 12.77 15.19 -0.85
N PRO B 224 12.26 16.12 -1.71
CA PRO B 224 10.87 16.61 -1.58
C PRO B 224 9.76 15.57 -1.64
N ALA B 225 9.93 14.52 -2.44
CA ALA B 225 8.94 13.45 -2.55
C ALA B 225 8.79 12.62 -1.26
N HIS B 226 9.82 12.63 -0.41
CA HIS B 226 9.80 12.01 0.93
C HIS B 226 9.52 10.49 0.91
N THR B 227 10.14 9.80 -0.04
CA THR B 227 10.07 8.33 -0.14
C THR B 227 11.48 7.74 0.06
N PRO B 228 11.57 6.48 0.55
CA PRO B 228 12.87 5.81 0.66
C PRO B 228 13.68 5.76 -0.63
N LEU B 229 15.00 5.90 -0.48
CA LEU B 229 15.94 5.88 -1.59
C LEU B 229 16.96 4.78 -1.36
N SER B 230 17.20 3.97 -2.39
CA SER B 230 18.36 3.09 -2.42
C SER B 230 19.60 3.95 -2.64
N ALA B 231 20.76 3.43 -2.25
CA ALA B 231 22.03 4.16 -2.34
C ALA B 231 22.40 4.50 -3.80
N ARG B 232 22.05 3.62 -4.74
CA ARG B 232 22.34 3.83 -6.16
C ARG B 232 21.48 4.97 -6.72
N ARG B 233 20.20 4.96 -6.35
CA ARG B 233 19.22 5.99 -6.75
C ARG B 233 19.60 7.40 -6.25
N PHE B 234 20.09 7.49 -5.02
CA PHE B 234 20.54 8.78 -4.46
C PHE B 234 21.79 9.29 -5.19
N LEU B 235 22.75 8.39 -5.45
CA LEU B 235 23.93 8.74 -6.24
C LEU B 235 23.57 9.06 -7.69
N SER B 236 22.59 8.36 -8.25
CA SER B 236 22.10 8.67 -9.60
C SER B 236 21.50 10.06 -9.68
N LEU B 237 20.71 10.42 -8.66
CA LEU B 237 20.07 11.74 -8.60
C LEU B 237 21.04 12.89 -8.28
N THR B 238 22.13 12.60 -7.57
CA THR B 238 23.11 13.62 -7.16
C THR B 238 24.39 13.68 -8.03
N SER B 239 24.65 12.65 -8.82
CA SER B 239 25.81 12.65 -9.73
C SER B 239 25.42 13.26 -11.08
N PRO B 240 26.24 14.19 -11.62
CA PRO B 240 25.85 14.84 -12.86
C PRO B 240 26.36 14.14 -14.12
N GLU B 241 25.59 13.18 -14.64
CA GLU B 241 25.76 12.76 -16.03
C GLU B 241 25.03 13.78 -16.90
N SER B 242 23.84 14.19 -16.45
CA SER B 242 23.11 15.37 -16.98
C SER B 242 22.91 15.35 -18.49
N PRO B 246 22.66 11.07 -18.34
CA PRO B 246 21.38 11.14 -17.68
C PRO B 246 20.83 9.76 -17.35
N SER B 247 20.30 9.60 -16.14
CA SER B 247 19.64 8.35 -15.73
C SER B 247 18.28 8.21 -16.41
N GLU B 248 17.67 7.03 -16.27
CA GLU B 248 16.35 6.75 -16.87
C GLU B 248 15.22 7.55 -16.19
N ASP B 249 15.44 7.96 -14.93
CA ASP B 249 14.49 8.81 -14.21
C ASP B 249 14.45 10.24 -14.75
N ASP B 250 15.60 10.72 -15.24
CA ASP B 250 15.76 12.11 -15.67
C ASP B 250 15.10 12.38 -17.03
N LEU B 251 13.78 12.57 -16.99
CA LEU B 251 12.97 12.84 -18.18
C LEU B 251 12.60 14.33 -18.35
N PHE B 252 12.39 15.04 -17.25
CA PHE B 252 11.81 16.39 -17.29
C PHE B 252 12.75 17.54 -16.90
N SER B 253 14.07 17.29 -16.88
CA SER B 253 15.04 18.37 -16.62
C SER B 253 15.06 19.38 -17.77
N SER B 254 15.14 20.66 -17.41
CA SER B 254 15.14 21.76 -18.39
C SER B 254 16.42 21.85 -19.23
N ASP B 255 17.53 21.30 -18.74
CA ASP B 255 18.81 21.34 -19.47
C ASP B 255 19.07 20.12 -20.39
N LEU B 256 18.08 19.25 -20.56
CA LEU B 256 18.17 18.14 -21.52
C LEU B 256 18.13 18.67 -22.96
N SER B 257 18.89 18.03 -23.84
CA SER B 257 18.99 18.45 -25.25
C SER B 257 17.74 18.04 -26.04
N ASP B 258 17.57 18.69 -27.21
CA ASP B 258 16.51 18.33 -28.16
C ASP B 258 16.65 16.88 -28.67
N GLU B 259 17.89 16.42 -28.76
CA GLU B 259 18.18 15.03 -29.14
C GLU B 259 17.70 14.04 -28.07
N GLN B 260 17.91 14.38 -26.79
CA GLN B 260 17.43 13.56 -25.67
C GLN B 260 15.90 13.59 -25.52
N LEU B 261 15.30 14.76 -25.78
CA LEU B 261 13.83 14.87 -25.83
C LEU B 261 13.21 14.07 -26.98
N GLY B 262 13.95 13.95 -28.09
CA GLY B 262 13.55 13.09 -29.21
C GLY B 262 13.44 11.61 -28.86
N LYS B 263 14.22 11.16 -27.87
CA LYS B 263 14.17 9.77 -27.39
C LYS B 263 12.99 9.48 -26.45
N THR B 264 12.37 10.51 -25.89
CA THR B 264 11.25 10.35 -24.96
C THR B 264 9.97 10.93 -25.56
N PHE B 265 9.85 12.26 -25.60
CA PHE B 265 8.68 12.92 -26.17
C PHE B 265 8.54 12.62 -27.67
N GLY B 266 9.66 12.58 -28.38
CA GLY B 266 9.69 12.24 -29.81
C GLY B 266 9.27 10.81 -30.16
N MET B 267 9.48 9.88 -29.25
CA MET B 267 9.10 8.48 -29.47
C MET B 267 7.61 8.15 -29.19
N ILE B 268 6.82 9.14 -28.77
CA ILE B 268 5.37 8.94 -28.54
C ILE B 268 4.65 8.58 -29.85
N ARG B 269 4.93 9.34 -30.90
CA ARG B 269 4.38 9.09 -32.24
C ARG B 269 4.81 7.73 -32.79
N GLU B 270 6.11 7.43 -32.70
CA GLU B 270 6.68 6.24 -33.31
C GLU B 270 6.25 4.91 -32.66
N GLN B 271 6.03 4.92 -31.35
CA GLN B 271 5.53 3.72 -30.64
C GLN B 271 4.07 3.41 -30.94
N GLY B 272 3.28 4.45 -31.26
CA GLY B 272 1.89 4.27 -31.67
C GLY B 272 0.92 3.84 -30.58
N LEU B 273 1.21 4.20 -29.33
CA LEU B 273 0.35 3.87 -28.19
C LEU B 273 -0.50 5.05 -27.68
N LEU B 274 -0.51 6.16 -28.42
CA LEU B 274 -1.39 7.29 -28.11
C LEU B 274 -2.22 7.65 -29.35
N ARG B 275 -3.51 7.35 -29.29
CA ARG B 275 -4.44 7.67 -30.39
C ARG B 275 -4.74 9.17 -30.42
N GLY B 276 -5.08 9.72 -29.27
CA GLY B 276 -5.44 11.14 -29.14
C GLY B 276 -4.26 12.05 -28.87
N LYS B 277 -4.45 13.00 -27.95
CA LYS B 277 -3.47 14.05 -27.70
C LYS B 277 -2.87 13.99 -26.29
N LEU B 278 -1.66 14.55 -26.15
CA LEU B 278 -0.96 14.63 -24.85
C LEU B 278 -1.18 16.01 -24.25
N MET B 279 -1.86 16.06 -23.09
CA MET B 279 -2.03 17.32 -22.34
C MET B 279 -1.06 17.36 -21.15
N VAL B 280 -0.22 18.40 -21.11
CA VAL B 280 0.73 18.61 -20.02
C VAL B 280 0.28 19.84 -19.22
N LEU B 281 0.17 19.69 -17.90
CA LEU B 281 -0.28 20.76 -17.01
C LEU B 281 0.75 21.06 -15.92
N PHE B 282 1.51 22.15 -16.08
CA PHE B 282 2.44 22.62 -15.05
C PHE B 282 1.70 23.33 -13.93
N SER B 283 2.26 23.25 -12.72
CA SER B 283 1.78 24.03 -11.58
C SER B 283 2.56 25.35 -11.54
N GLY B 284 1.83 26.46 -11.60
CA GLY B 284 2.43 27.80 -11.68
C GLY B 284 3.31 28.22 -10.52
N ALA B 285 2.95 27.78 -9.31
CA ALA B 285 3.70 28.07 -8.10
C ALA B 285 4.30 26.79 -7.51
N ASP B 286 4.83 25.92 -8.38
CA ASP B 286 5.40 24.65 -7.93
C ASP B 286 6.70 24.93 -7.16
N GLN B 287 6.69 24.54 -5.89
CA GLN B 287 7.81 24.80 -4.99
C GLN B 287 9.01 23.87 -5.23
N SER B 288 8.80 22.75 -5.93
CA SER B 288 9.87 21.81 -6.27
C SER B 288 10.56 22.09 -7.62
N VAL B 289 10.03 23.02 -8.41
CA VAL B 289 10.66 23.45 -9.65
C VAL B 289 11.55 24.66 -9.34
N PRO B 290 12.82 24.64 -9.78
CA PRO B 290 13.67 25.81 -9.56
C PRO B 290 13.12 27.09 -10.19
N ALA B 291 13.21 28.20 -9.47
CA ALA B 291 12.75 29.53 -9.94
C ALA B 291 13.37 29.95 -11.27
N TRP B 292 14.59 29.49 -11.53
CA TRP B 292 15.29 29.78 -12.79
C TRP B 292 14.80 29.00 -14.03
N VAL B 293 14.04 27.92 -13.82
CA VAL B 293 13.49 27.15 -14.95
C VAL B 293 12.48 28.02 -15.72
N ASP B 294 12.75 28.23 -17.00
CA ASP B 294 11.82 28.90 -17.90
C ASP B 294 10.74 27.88 -18.31
N LYS B 295 9.58 27.97 -17.66
CA LYS B 295 8.47 27.03 -17.88
C LYS B 295 7.86 27.16 -19.28
N ASP B 296 7.84 28.38 -19.81
CA ASP B 296 7.23 28.66 -21.12
C ASP B 296 8.06 28.05 -22.25
N THR B 297 9.38 28.23 -22.16
CA THR B 297 10.33 27.59 -23.08
C THR B 297 10.28 26.07 -22.95
N LEU B 298 10.15 25.57 -21.72
CA LEU B 298 10.08 24.13 -21.48
C LEU B 298 8.85 23.51 -22.15
N LEU B 299 7.71 24.21 -22.12
CA LEU B 299 6.50 23.79 -22.86
C LEU B 299 6.70 23.82 -24.38
N SER B 300 7.38 24.86 -24.87
CA SER B 300 7.70 24.98 -26.30
C SER B 300 8.56 23.82 -26.81
N ARG B 301 9.56 23.44 -26.01
CA ARG B 301 10.51 22.39 -26.40
C ARG B 301 9.92 20.98 -26.34
N TRP B 302 9.09 20.72 -25.33
CA TRP B 302 8.37 19.43 -25.22
C TRP B 302 7.34 19.29 -26.34
N ARG B 303 6.64 20.39 -26.64
CA ARG B 303 5.70 20.46 -27.77
C ARG B 303 6.39 20.14 -29.10
N ASN B 304 7.53 20.80 -29.35
CA ASN B 304 8.30 20.60 -30.58
C ASN B 304 8.87 19.18 -30.71
N ALA B 305 9.29 18.59 -29.58
CA ALA B 305 9.73 17.20 -29.55
C ALA B 305 8.56 16.24 -29.80
N THR B 306 7.44 16.48 -29.11
CA THR B 306 6.23 15.65 -29.26
C THR B 306 5.65 15.69 -30.68
N ASP B 307 5.53 16.90 -31.24
CA ASP B 307 4.97 17.08 -32.60
C ASP B 307 6.00 17.00 -33.73
N HIS B 308 7.27 16.76 -33.41
CA HIS B 308 8.35 16.66 -34.41
C HIS B 308 8.46 17.91 -35.28
N ASN B 309 8.41 19.07 -34.63
CA ASN B 309 8.43 20.39 -35.31
C ASN B 309 7.33 20.56 -36.37
N GLY B 310 6.09 20.21 -35.99
CA GLY B 310 4.92 20.45 -36.83
C GLY B 310 4.49 19.33 -37.76
N GLU B 311 5.27 18.25 -37.81
CA GLU B 311 4.94 17.08 -38.63
C GLU B 311 3.70 16.34 -38.09
N ALA B 312 3.58 16.27 -36.77
CA ALA B 312 2.45 15.60 -36.09
C ALA B 312 1.63 16.60 -35.28
N ALA B 313 0.45 16.15 -34.85
CA ALA B 313 -0.45 16.96 -34.02
C ALA B 313 -0.90 16.15 -32.80
N ILE B 314 0.08 15.80 -31.96
CA ILE B 314 -0.12 15.02 -30.74
C ILE B 314 -0.24 15.91 -29.50
N TRP B 315 0.53 16.99 -29.45
CA TRP B 315 0.50 17.91 -28.32
C TRP B 315 -0.86 18.61 -28.22
N ASP B 316 -1.48 18.53 -27.05
CA ASP B 316 -2.78 19.14 -26.82
C ASP B 316 -2.61 20.64 -26.61
N GLU B 317 -3.37 21.43 -27.35
CA GLU B 317 -3.31 22.90 -27.28
C GLU B 317 -3.75 23.48 -25.93
N ASN B 318 -4.58 22.74 -25.19
CA ASN B 318 -4.99 23.12 -23.83
C ASN B 318 -3.95 22.82 -22.74
N SER B 319 -2.80 22.25 -23.12
CA SER B 319 -1.61 22.20 -22.25
C SER B 319 -1.22 23.61 -21.80
N GLY B 320 -0.67 23.72 -20.60
CA GLY B 320 -0.27 25.02 -20.07
C GLY B 320 0.13 25.02 -18.61
N ILE B 321 0.06 26.20 -18.01
CA ILE B 321 0.46 26.44 -16.62
C ILE B 321 -0.79 26.82 -15.84
N ILE B 322 -1.03 26.12 -14.72
CA ILE B 322 -2.16 26.42 -13.85
C ILE B 322 -1.72 27.57 -12.92
N PRO B 323 -2.40 28.74 -13.00
CA PRO B 323 -1.97 29.88 -12.17
C PRO B 323 -2.09 29.61 -10.66
N ASN B 324 -1.04 30.00 -9.93
CA ASN B 324 -0.99 29.91 -8.46
C ASN B 324 -1.06 28.49 -7.88
N ALA B 325 -0.85 27.47 -8.72
CA ALA B 325 -0.96 26.07 -8.27
C ALA B 325 0.33 25.66 -7.58
N SER B 326 0.21 25.01 -6.43
CA SER B 326 1.34 24.35 -5.79
C SER B 326 1.55 23.00 -6.49
N HIS B 327 2.59 22.28 -6.10
CA HIS B 327 2.89 20.98 -6.72
C HIS B 327 1.70 20.02 -6.65
N ALA B 328 1.13 19.89 -5.46
CA ALA B 328 0.05 18.93 -5.19
C ALA B 328 -1.35 19.56 -5.14
N LEU B 329 -1.43 20.90 -5.11
CA LEU B 329 -2.71 21.61 -4.98
C LEU B 329 -3.51 21.16 -3.74
N SER B 330 -2.79 20.87 -2.66
CA SER B 330 -3.35 20.21 -1.48
C SER B 330 -3.96 21.14 -0.44
N ASN B 331 -3.40 22.34 -0.30
CA ASN B 331 -3.78 23.26 0.78
C ASN B 331 -5.20 23.83 0.62
N ASP B 332 -5.69 24.44 1.71
CA ASP B 332 -7.02 25.07 1.74
C ASP B 332 -7.11 26.32 0.87
N ASP B 333 -5.96 26.94 0.57
CA ASP B 333 -5.87 28.08 -0.36
C ASP B 333 -5.84 27.70 -1.85
N GLN B 334 -5.85 26.39 -2.17
CA GLN B 334 -5.72 25.91 -3.54
C GLN B 334 -7.07 25.56 -4.22
N ALA B 335 -8.18 26.07 -3.71
CA ALA B 335 -9.50 25.79 -4.30
C ALA B 335 -9.61 26.28 -5.75
N GLU B 336 -9.09 27.48 -6.02
CA GLU B 336 -9.16 28.06 -7.37
C GLU B 336 -8.28 27.31 -8.39
N PRO B 337 -7.00 27.04 -8.04
CA PRO B 337 -6.17 26.21 -8.93
C PRO B 337 -6.70 24.78 -9.17
N ARG B 338 -7.30 24.17 -8.15
CA ARG B 338 -7.94 22.85 -8.30
C ARG B 338 -9.10 22.88 -9.28
N ASN B 339 -9.95 23.92 -9.17
CA ASN B 339 -11.07 24.14 -10.09
C ASN B 339 -10.59 24.27 -11.53
N PHE B 340 -9.51 25.03 -11.71
CA PHE B 340 -8.87 25.22 -13.02
C PHE B 340 -8.38 23.89 -13.59
N LEU B 341 -7.65 23.13 -12.77
CA LEU B 341 -7.15 21.80 -13.13
C LEU B 341 -8.27 20.83 -13.51
N VAL B 342 -9.29 20.77 -12.66
CA VAL B 342 -10.44 19.88 -12.90
C VAL B 342 -11.15 20.21 -14.22
N ASN B 343 -11.34 21.51 -14.49
CA ASN B 343 -11.96 21.96 -15.75
C ASN B 343 -11.12 21.65 -17.00
N LYS B 344 -9.79 21.73 -16.87
CA LYS B 344 -8.89 21.30 -17.95
C LYS B 344 -9.06 19.81 -18.27
N VAL B 345 -9.16 18.99 -17.22
CA VAL B 345 -9.35 17.55 -17.37
C VAL B 345 -10.74 17.26 -17.98
N LEU B 346 -11.78 17.91 -17.44
CA LEU B 346 -13.14 17.75 -17.97
C LEU B 346 -13.27 18.12 -19.45
N GLY B 347 -12.67 19.26 -19.82
CA GLY B 347 -12.64 19.72 -21.22
C GLY B 347 -11.87 18.80 -22.14
N TYR B 348 -10.76 18.26 -21.65
CA TYR B 348 -9.95 17.28 -22.38
C TYR B 348 -10.74 16.00 -22.66
N LEU B 349 -11.40 15.48 -21.62
CA LEU B 349 -12.20 14.26 -21.73
C LEU B 349 -13.42 14.47 -22.64
N SER B 350 -14.07 15.62 -22.49
CA SER B 350 -15.21 16.00 -23.34
C SER B 350 -14.86 16.06 -24.83
N ALA B 351 -13.69 16.62 -25.13
CA ALA B 351 -13.19 16.73 -26.50
C ALA B 351 -12.86 15.36 -27.12
N LEU B 352 -12.38 14.46 -26.28
CA LEU B 352 -12.01 13.10 -26.69
C LEU B 352 -13.20 12.29 -27.19
N VAL B 353 -14.36 12.54 -26.59
CA VAL B 353 -15.60 11.86 -26.96
C VAL B 353 -16.20 12.56 -28.19
C1 GOL C . -11.38 -9.54 -14.66
O1 GOL C . -12.79 -9.55 -14.93
C2 GOL C . -10.62 -9.96 -15.91
O2 GOL C . -11.05 -11.28 -16.29
C3 GOL C . -9.10 -9.94 -15.76
O3 GOL C . -8.65 -10.10 -14.40
#